data_5XM9
#
_entry.id   5XM9
#
_cell.length_a   98.940
_cell.length_b   118.878
_cell.length_c   235.955
_cell.angle_alpha   90.00
_cell.angle_beta   90.00
_cell.angle_gamma   90.00
#
_symmetry.space_group_name_H-M   'C 2 2 21'
#
loop_
_entity.id
_entity.type
_entity.pdbx_description
1 polymer 'Repair DNA polymerase X'
2 polymer 'DNA (36-MER)'
3 polymer 'DNA (23-mer)'
#
loop_
_entity_poly.entity_id
_entity_poly.type
_entity_poly.pdbx_seq_one_letter_code
_entity_poly.pdbx_strand_id
1 'polypeptide(L)'
;GGSMLTLIQGKKIVNHLRSRLAFEYNGQLIKILSKNIVAVGSLRREEKMLNDVNLLIIVPEKKLLKHVLPNIRIKGLSFS
VKVCGERKCVLFIEWEKKTYQLDLFTALAEEKPYAIFHFTGPVSYLIRIRAALKKKNYKLNQYGLFKNQTLVPLKITTEK
ELIKELGFTYRIPKKRL
;
A,B,C,D
2 'polydeoxyribonucleotide'
;(DT)(DG)(DT)(DA)(DA)(DC)(DG)(DC)(DA)(DC)(DT)(DG)(DC)(DC)(DA)(DG)(DC)(DG)(DG)(DC)
(DT)(DC)(DG)(DA)(DA)(DA)(DT)(DC)(DT)(DC)(DT)(DC)(DT)(DC)(DG)(DT)
;
E,G
3 'polydeoxyribonucleotide'
;(DA)(DC)(DG)(DA)(DG)(DA)(DG)(DA)(DG)(DA)(DT)(DG)(DG)(DG)(DT)(DG)(DC)(DG)(DT)(DT)
(DA)(DC)(DA)
;
F,H
#
loop_
_chem_comp.id
_chem_comp.type
_chem_comp.name
_chem_comp.formula
DA DNA linking 2'-DEOXYADENOSINE-5'-MONOPHOSPHATE 'C10 H14 N5 O6 P'
DC DNA linking 2'-DEOXYCYTIDINE-5'-MONOPHOSPHATE 'C9 H14 N3 O7 P'
DG DNA linking 2'-DEOXYGUANOSINE-5'-MONOPHOSPHATE 'C10 H14 N5 O7 P'
DT DNA linking THYMIDINE-5'-MONOPHOSPHATE 'C10 H15 N2 O8 P'
#
# COMPACT_ATOMS: atom_id res chain seq x y z
N MET A 4 -57.07 9.05 27.95
CA MET A 4 -58.01 8.98 26.83
C MET A 4 -58.20 10.35 26.18
N LEU A 5 -58.70 10.34 24.95
CA LEU A 5 -58.92 11.59 24.22
C LEU A 5 -60.18 11.61 23.36
N THR A 6 -60.81 12.78 23.26
CA THR A 6 -61.93 12.93 22.34
C THR A 6 -61.34 13.11 20.95
N LEU A 7 -62.06 12.65 19.91
CA LEU A 7 -61.52 12.74 18.56
C LEU A 7 -61.16 14.18 18.29
N ILE A 8 -61.94 15.09 18.86
CA ILE A 8 -61.70 16.50 18.67
C ILE A 8 -60.34 16.87 19.22
N GLN A 9 -60.07 16.48 20.46
CA GLN A 9 -58.80 16.80 21.10
C GLN A 9 -57.66 16.27 20.24
N GLY A 10 -57.90 15.17 19.53
CA GLY A 10 -56.87 14.52 18.75
C GLY A 10 -56.54 15.30 17.49
N LYS A 11 -57.58 15.78 16.82
CA LYS A 11 -57.39 16.57 15.62
C LYS A 11 -56.65 17.86 16.00
N LYS A 12 -56.99 18.44 17.15
CA LYS A 12 -56.34 19.66 17.65
C LYS A 12 -54.85 19.47 17.81
N ILE A 13 -54.47 18.32 18.36
CA ILE A 13 -53.07 18.01 18.67
C ILE A 13 -52.25 17.82 17.41
N VAL A 14 -52.71 16.93 16.54
CA VAL A 14 -52.09 16.70 15.25
C VAL A 14 -51.86 18.04 14.58
N ASN A 15 -52.90 18.87 14.55
CA ASN A 15 -52.76 20.16 13.90
C ASN A 15 -51.70 21.02 14.57
N HIS A 16 -51.69 21.00 15.90
CA HIS A 16 -50.66 21.69 16.64
C HIS A 16 -49.29 21.19 16.26
N LEU A 17 -49.16 19.88 16.04
CA LEU A 17 -47.86 19.25 15.82
C LEU A 17 -47.30 19.45 14.42
N ARG A 18 -48.19 19.58 13.44
CA ARG A 18 -47.78 19.54 12.04
C ARG A 18 -46.62 20.49 11.72
N SER A 19 -46.73 21.71 12.21
CA SER A 19 -45.71 22.73 11.96
C SER A 19 -44.65 22.85 13.06
N ARG A 20 -44.52 21.82 13.90
CA ARG A 20 -43.57 21.86 15.01
C ARG A 20 -42.71 20.61 15.13
N LEU A 21 -42.62 19.83 14.06
CA LEU A 21 -41.81 18.61 14.11
C LEU A 21 -40.47 18.75 13.39
N ALA A 22 -39.42 18.34 14.10
CA ALA A 22 -38.09 18.40 13.53
C ALA A 22 -37.21 17.42 14.25
N PHE A 23 -36.13 17.00 13.58
CA PHE A 23 -35.14 16.13 14.20
C PHE A 23 -33.74 16.77 14.17
N GLU A 24 -32.81 16.24 14.96
CA GLU A 24 -31.42 16.70 14.97
C GLU A 24 -30.51 15.79 14.13
N TYR A 25 -29.77 16.37 13.20
CA TYR A 25 -28.96 15.57 12.29
C TYR A 25 -27.64 16.22 11.92
N ASN A 26 -26.55 15.82 12.57
CA ASN A 26 -25.27 16.51 12.46
C ASN A 26 -25.41 17.97 12.94
N GLY A 27 -25.86 18.14 14.17
CA GLY A 27 -25.95 19.48 14.77
C GLY A 27 -26.89 20.44 14.07
N GLN A 28 -27.55 19.96 13.03
CA GLN A 28 -28.58 20.69 12.30
C GLN A 28 -29.95 20.27 12.81
N LEU A 29 -30.84 21.25 12.97
CA LEU A 29 -32.21 20.93 13.35
C LEU A 29 -33.09 20.97 12.12
N ILE A 30 -33.47 19.80 11.61
CA ILE A 30 -34.16 19.70 10.32
C ILE A 30 -35.70 19.62 10.44
N LYS A 31 -36.34 20.59 9.79
CA LYS A 31 -37.79 20.73 9.80
C LYS A 31 -38.42 19.58 9.04
N ILE A 32 -39.34 18.92 9.72
CA ILE A 32 -40.17 17.91 9.07
C ILE A 32 -41.33 18.62 8.39
N LEU A 33 -41.47 18.41 7.08
CA LEU A 33 -42.58 18.98 6.31
C LEU A 33 -43.94 18.34 6.64
N SER A 34 -44.91 19.15 7.03
CA SER A 34 -46.29 18.69 7.25
C SER A 34 -46.81 17.89 6.04
N LYS A 35 -46.24 18.21 4.87
CA LYS A 35 -46.46 17.45 3.64
C LYS A 35 -46.21 15.94 3.84
N ASN A 36 -45.24 15.61 4.70
CA ASN A 36 -44.87 14.22 4.96
C ASN A 36 -45.29 13.71 6.33
N ILE A 37 -46.37 14.26 6.87
CA ILE A 37 -46.91 13.78 8.13
C ILE A 37 -48.36 13.30 7.94
N VAL A 38 -48.56 11.99 7.92
CA VAL A 38 -49.88 11.43 7.72
C VAL A 38 -50.47 11.07 9.08
N ALA A 39 -51.74 11.36 9.34
CA ALA A 39 -52.34 10.86 10.57
C ALA A 39 -53.07 9.52 10.31
N VAL A 40 -52.80 8.53 11.17
CA VAL A 40 -53.21 7.15 10.95
C VAL A 40 -53.87 6.59 12.21
N GLY A 41 -53.99 5.27 12.31
CA GLY A 41 -54.58 4.66 13.50
C GLY A 41 -56.02 5.08 13.78
N SER A 42 -56.44 4.92 15.04
CA SER A 42 -57.81 5.20 15.43
C SER A 42 -58.31 6.60 15.04
N LEU A 43 -57.39 7.53 14.84
CA LEU A 43 -57.78 8.90 14.49
C LEU A 43 -58.12 9.09 13.00
N ARG A 44 -57.42 8.37 12.12
CA ARG A 44 -57.75 8.45 10.70
C ARG A 44 -59.05 7.67 10.46
N ARG A 45 -59.36 6.78 11.39
CA ARG A 45 -60.56 5.95 11.26
C ARG A 45 -61.74 6.70 11.87
N GLU A 46 -61.46 7.92 12.33
CA GLU A 46 -62.48 8.82 12.81
C GLU A 46 -63.30 8.12 13.90
N GLU A 47 -62.62 7.71 14.97
CA GLU A 47 -63.34 7.20 16.12
C GLU A 47 -63.64 8.34 17.06
N LYS A 48 -64.77 8.25 17.75
CA LYS A 48 -65.14 9.28 18.71
C LYS A 48 -64.13 9.31 19.83
N MET A 49 -63.76 8.14 20.34
CA MET A 49 -62.84 8.09 21.47
C MET A 49 -61.49 7.46 21.10
N LEU A 50 -60.42 8.15 21.45
CA LEU A 50 -59.08 7.75 21.06
C LEU A 50 -58.29 7.33 22.30
N ASN A 51 -57.21 6.58 22.10
CA ASN A 51 -56.36 6.16 23.21
C ASN A 51 -54.99 6.74 23.07
N ASP A 52 -54.59 6.90 21.81
CA ASP A 52 -53.30 7.45 21.49
C ASP A 52 -53.40 8.30 20.24
N VAL A 53 -52.27 8.87 19.85
CA VAL A 53 -52.25 9.59 18.60
C VAL A 53 -51.18 9.00 17.72
N ASN A 54 -51.51 8.76 16.46
CA ASN A 54 -50.61 8.03 15.64
C ASN A 54 -50.20 8.89 14.46
N LEU A 55 -48.89 9.07 14.31
CA LEU A 55 -48.35 9.89 13.26
C LEU A 55 -47.38 9.09 12.44
N LEU A 56 -47.62 9.01 11.14
CA LEU A 56 -46.70 8.34 10.25
C LEU A 56 -45.88 9.42 9.60
N ILE A 57 -44.57 9.40 9.83
CA ILE A 57 -43.68 10.37 9.22
C ILE A 57 -42.93 9.80 8.01
N ILE A 58 -42.97 10.51 6.87
CA ILE A 58 -42.28 10.03 5.66
C ILE A 58 -40.84 10.54 5.53
N VAL A 59 -39.90 9.60 5.50
CA VAL A 59 -38.47 9.92 5.37
C VAL A 59 -37.96 9.63 3.96
N PRO A 60 -37.39 10.66 3.30
CA PRO A 60 -36.98 10.60 1.90
C PRO A 60 -35.80 9.67 1.61
N GLU A 61 -34.72 9.81 2.38
CA GLU A 61 -33.50 9.08 2.11
C GLU A 61 -33.26 8.04 3.18
N LYS A 62 -33.23 6.78 2.77
CA LYS A 62 -33.01 5.65 3.67
C LYS A 62 -31.96 5.86 4.76
N LYS A 63 -30.92 6.63 4.47
CA LYS A 63 -29.81 6.85 5.42
C LYS A 63 -30.24 7.59 6.68
N LEU A 64 -31.40 8.24 6.59
CA LEU A 64 -31.86 9.20 7.59
C LEU A 64 -32.60 8.54 8.75
N LEU A 65 -33.00 7.30 8.56
CA LEU A 65 -33.74 6.53 9.55
C LEU A 65 -33.08 6.45 10.92
N LYS A 66 -31.75 6.42 10.95
CA LYS A 66 -31.01 6.30 12.22
C LYS A 66 -30.85 7.65 12.94
N HIS A 67 -31.44 8.70 12.36
CA HIS A 67 -31.34 10.06 12.89
C HIS A 67 -32.67 10.74 13.25
N VAL A 68 -33.71 10.50 12.45
CA VAL A 68 -35.02 11.19 12.57
C VAL A 68 -35.71 10.92 13.90
N LEU A 69 -36.14 9.68 14.08
CA LEU A 69 -36.85 9.29 15.27
C LEU A 69 -36.03 9.38 16.57
N PRO A 70 -34.76 8.92 16.55
CA PRO A 70 -34.01 8.96 17.80
C PRO A 70 -33.64 10.37 18.22
N ASN A 71 -33.51 11.30 17.27
CA ASN A 71 -33.18 12.68 17.61
C ASN A 71 -34.34 13.66 17.31
N ILE A 72 -35.57 13.20 17.58
CA ILE A 72 -36.82 13.94 17.34
C ILE A 72 -37.11 15.04 18.38
N ARG A 73 -37.45 16.24 17.90
CA ARG A 73 -37.70 17.37 18.79
C ARG A 73 -39.00 18.08 18.42
N ILE A 74 -39.68 18.61 19.44
CA ILE A 74 -40.98 19.21 19.25
C ILE A 74 -40.98 20.59 19.87
N LYS A 75 -41.06 21.64 19.04
CA LYS A 75 -40.88 22.99 19.55
C LYS A 75 -41.84 23.35 20.68
N GLY A 76 -41.29 23.41 21.90
CA GLY A 76 -41.99 23.97 23.06
C GLY A 76 -43.09 23.12 23.69
N LEU A 77 -42.87 21.82 23.75
CA LEU A 77 -43.86 20.93 24.35
C LEU A 77 -43.20 19.85 25.21
N SER A 78 -43.63 19.75 26.47
CA SER A 78 -43.05 18.76 27.35
C SER A 78 -43.33 17.38 26.82
N PHE A 79 -42.33 16.51 26.89
CA PHE A 79 -42.55 15.09 26.65
C PHE A 79 -41.45 14.20 27.17
N SER A 80 -41.83 13.10 27.82
CA SER A 80 -40.89 12.03 28.13
C SER A 80 -40.86 11.08 26.93
N VAL A 81 -40.10 9.99 27.01
CA VAL A 81 -40.03 9.03 25.90
C VAL A 81 -40.10 7.59 26.37
N LYS A 82 -41.23 6.90 26.18
CA LYS A 82 -41.22 5.53 26.66
C LYS A 82 -40.19 4.69 25.91
N VAL A 83 -40.36 4.45 24.62
CA VAL A 83 -39.35 3.72 23.88
C VAL A 83 -39.13 4.45 22.58
N CYS A 84 -38.05 4.15 21.90
CA CYS A 84 -37.76 4.81 20.64
C CYS A 84 -36.65 4.12 19.83
N GLY A 85 -36.96 3.78 18.59
CA GLY A 85 -36.01 3.12 17.73
C GLY A 85 -36.08 3.80 16.39
N GLU A 86 -35.66 3.11 15.35
CA GLU A 86 -35.60 3.75 14.05
C GLU A 86 -37.00 3.86 13.44
N ARG A 87 -37.84 2.89 13.76
CA ARG A 87 -39.10 2.72 13.05
C ARG A 87 -40.39 3.05 13.85
N LYS A 88 -40.36 2.90 15.16
CA LYS A 88 -41.51 3.17 15.99
C LYS A 88 -40.98 3.94 17.16
N CYS A 89 -41.71 4.91 17.67
CA CYS A 89 -41.22 5.63 18.83
C CYS A 89 -42.39 6.12 19.67
N VAL A 90 -42.31 5.96 20.98
CA VAL A 90 -43.48 6.19 21.82
C VAL A 90 -43.21 7.26 22.86
N LEU A 91 -44.04 8.30 22.84
CA LEU A 91 -43.82 9.43 23.74
C LEU A 91 -44.93 9.51 24.77
N PHE A 92 -44.73 10.33 25.78
CA PHE A 92 -45.84 10.76 26.63
C PHE A 92 -45.77 12.27 26.74
N ILE A 93 -46.76 12.94 26.16
CA ILE A 93 -46.72 14.39 26.15
C ILE A 93 -47.69 15.03 27.13
N GLU A 94 -47.31 16.22 27.59
CA GLU A 94 -48.17 17.03 28.45
C GLU A 94 -49.00 17.94 27.56
N TRP A 95 -50.32 17.81 27.64
CA TRP A 95 -51.21 18.65 26.86
C TRP A 95 -52.31 19.15 27.76
N GLU A 96 -52.37 20.47 27.91
CA GLU A 96 -53.39 21.11 28.72
C GLU A 96 -53.44 20.46 30.09
N LYS A 97 -52.26 20.30 30.69
CA LYS A 97 -52.13 19.69 32.02
C LYS A 97 -52.69 18.25 32.08
N LYS A 98 -52.38 17.45 31.06
CA LYS A 98 -52.63 16.01 31.10
C LYS A 98 -51.65 15.19 30.24
N THR A 99 -51.34 13.97 30.71
CA THR A 99 -50.39 13.09 30.03
C THR A 99 -51.05 12.20 28.97
N TYR A 100 -50.64 12.40 27.74
CA TYR A 100 -51.23 11.72 26.60
C TYR A 100 -50.15 10.97 25.82
N GLN A 101 -50.50 9.81 25.28
CA GLN A 101 -49.48 9.01 24.61
C GLN A 101 -49.44 9.26 23.11
N LEU A 102 -48.25 9.50 22.58
CA LEU A 102 -48.12 9.79 21.16
C LEU A 102 -47.20 8.78 20.51
N ASP A 103 -47.64 8.15 19.42
CA ASP A 103 -46.76 7.25 18.69
C ASP A 103 -46.35 7.85 17.36
N LEU A 104 -45.08 7.67 17.02
CA LEU A 104 -44.59 8.03 15.69
C LEU A 104 -44.02 6.80 14.98
N PHE A 105 -44.32 6.64 13.71
CA PHE A 105 -43.72 5.57 12.93
C PHE A 105 -43.07 6.22 11.74
N THR A 106 -42.26 5.47 11.00
CA THR A 106 -41.56 6.04 9.86
C THR A 106 -41.74 5.19 8.62
N ALA A 107 -41.71 5.83 7.46
CA ALA A 107 -41.76 5.08 6.22
C ALA A 107 -40.95 5.78 5.14
N LEU A 108 -40.23 4.99 4.36
CA LEU A 108 -39.50 5.54 3.25
C LEU A 108 -40.46 5.67 2.09
N ALA A 109 -40.34 6.79 1.38
CA ALA A 109 -41.18 7.11 0.23
C ALA A 109 -41.81 5.96 -0.55
N GLU A 110 -41.04 4.93 -0.90
CA GLU A 110 -41.64 3.84 -1.68
C GLU A 110 -42.49 2.87 -0.87
N GLU A 111 -42.53 3.05 0.46
CA GLU A 111 -43.34 2.19 1.32
C GLU A 111 -44.67 2.86 1.66
N LYS A 112 -44.69 4.19 1.52
CA LYS A 112 -45.81 5.05 1.90
C LYS A 112 -47.22 4.45 1.72
N PRO A 113 -47.55 3.89 0.52
CA PRO A 113 -48.86 3.24 0.40
C PRO A 113 -49.09 2.08 1.39
N TYR A 114 -48.14 1.15 1.48
CA TYR A 114 -48.34 0.01 2.36
C TYR A 114 -48.43 0.47 3.79
N ALA A 115 -47.66 1.52 4.10
CA ALA A 115 -47.51 1.98 5.47
C ALA A 115 -48.80 2.60 5.93
N ILE A 116 -49.31 3.53 5.14
CA ILE A 116 -50.57 4.19 5.46
C ILE A 116 -51.63 3.13 5.63
N PHE A 117 -51.70 2.23 4.66
CA PHE A 117 -52.65 1.14 4.71
C PHE A 117 -52.49 0.35 6.00
N HIS A 118 -51.25 -0.04 6.33
CA HIS A 118 -50.96 -0.75 7.58
C HIS A 118 -51.43 0.03 8.80
N PHE A 119 -50.89 1.23 8.98
CA PHE A 119 -51.10 1.93 10.23
C PHE A 119 -52.49 2.45 10.39
N THR A 120 -53.22 2.57 9.29
CA THR A 120 -54.62 2.92 9.37
C THR A 120 -55.42 1.86 10.13
N GLY A 121 -55.09 0.60 9.88
CA GLY A 121 -55.73 -0.50 10.57
C GLY A 121 -57.15 -0.55 10.09
N PRO A 122 -58.09 -0.96 10.98
CA PRO A 122 -57.81 -1.50 12.32
C PRO A 122 -57.31 -2.93 12.16
N VAL A 123 -56.96 -3.60 13.26
CA VAL A 123 -56.29 -4.89 13.16
C VAL A 123 -57.13 -5.95 12.48
N SER A 124 -58.39 -6.00 12.91
CA SER A 124 -59.32 -7.04 12.49
C SER A 124 -59.51 -6.98 10.98
N TYR A 125 -59.44 -5.78 10.43
CA TYR A 125 -59.45 -5.61 9.00
C TYR A 125 -58.18 -6.15 8.33
N LEU A 126 -57.02 -5.85 8.91
CA LEU A 126 -55.76 -6.25 8.29
C LEU A 126 -55.68 -7.76 8.26
N ILE A 127 -56.15 -8.39 9.32
CA ILE A 127 -56.11 -9.85 9.39
C ILE A 127 -56.91 -10.47 8.29
N ARG A 128 -58.15 -10.00 8.09
CA ARG A 128 -59.01 -10.47 6.99
C ARG A 128 -58.23 -10.41 5.72
N ILE A 129 -57.69 -9.22 5.48
CA ILE A 129 -56.91 -8.97 4.28
C ILE A 129 -55.67 -9.85 4.20
N ARG A 130 -54.76 -9.77 5.17
CA ARG A 130 -53.51 -10.53 5.05
C ARG A 130 -53.78 -12.00 4.85
N ALA A 131 -54.73 -12.55 5.60
CA ALA A 131 -55.10 -13.96 5.49
C ALA A 131 -55.66 -14.32 4.11
N ALA A 132 -56.17 -13.34 3.38
CA ALA A 132 -56.65 -13.57 2.03
C ALA A 132 -55.49 -13.72 1.05
N LEU A 133 -54.52 -12.82 1.17
CA LEU A 133 -53.33 -12.86 0.36
C LEU A 133 -52.39 -13.97 0.81
N LYS A 134 -52.69 -14.62 1.92
CA LYS A 134 -51.75 -15.61 2.43
C LYS A 134 -52.01 -16.90 1.68
N LYS A 135 -53.31 -17.21 1.54
CA LYS A 135 -53.70 -18.44 0.89
C LYS A 135 -53.38 -18.39 -0.60
N LYS A 136 -53.11 -17.18 -1.10
CA LYS A 136 -52.64 -17.01 -2.47
C LYS A 136 -51.12 -16.88 -2.51
N ASN A 137 -50.45 -17.46 -1.51
CA ASN A 137 -48.99 -17.43 -1.39
C ASN A 137 -48.36 -16.02 -1.50
N TYR A 138 -48.94 -15.06 -0.76
CA TYR A 138 -48.31 -13.75 -0.55
C TYR A 138 -48.20 -13.44 0.95
N LYS A 139 -47.39 -12.44 1.26
CA LYS A 139 -47.29 -11.86 2.59
C LYS A 139 -47.36 -10.34 2.38
N LEU A 140 -48.27 -9.66 3.07
CA LEU A 140 -48.35 -8.20 3.00
C LEU A 140 -47.93 -7.65 4.35
N ASN A 141 -47.09 -6.62 4.37
CA ASN A 141 -46.71 -5.95 5.62
C ASN A 141 -46.49 -4.47 5.38
N GLN A 142 -46.12 -3.72 6.40
CA GLN A 142 -46.07 -2.27 6.23
C GLN A 142 -45.06 -1.80 5.19
N TYR A 143 -44.25 -2.72 4.68
CA TYR A 143 -43.09 -2.34 3.88
C TYR A 143 -43.24 -2.57 2.39
N GLY A 144 -44.11 -3.51 2.03
CA GLY A 144 -44.40 -3.78 0.63
C GLY A 144 -45.20 -5.05 0.51
N LEU A 145 -45.31 -5.59 -0.70
CA LEU A 145 -45.95 -6.89 -0.88
C LEU A 145 -44.88 -7.91 -1.27
N PHE A 146 -44.93 -9.10 -0.66
CA PHE A 146 -43.89 -10.09 -0.91
C PHE A 146 -44.44 -11.40 -1.46
N LYS A 147 -43.65 -12.05 -2.33
CA LYS A 147 -43.96 -13.41 -2.83
C LYS A 147 -42.69 -14.25 -2.90
N ASN A 148 -42.64 -15.29 -2.05
CA ASN A 148 -41.43 -16.08 -1.90
C ASN A 148 -40.26 -15.16 -1.62
N GLN A 149 -40.34 -14.47 -0.48
CA GLN A 149 -39.27 -13.59 -0.03
C GLN A 149 -38.79 -12.55 -1.04
N THR A 150 -39.56 -12.33 -2.12
CA THR A 150 -39.16 -11.38 -3.14
C THR A 150 -40.17 -10.24 -3.25
N LEU A 151 -39.72 -9.00 -3.13
CA LEU A 151 -40.64 -7.85 -3.20
C LEU A 151 -41.36 -7.75 -4.55
N VAL A 152 -42.66 -7.94 -4.54
CA VAL A 152 -43.47 -7.73 -5.73
C VAL A 152 -43.58 -6.24 -6.01
N PRO A 153 -42.90 -5.75 -7.07
CA PRO A 153 -42.95 -4.31 -7.34
C PRO A 153 -44.31 -3.96 -7.92
N LEU A 154 -44.84 -2.78 -7.63
CA LEU A 154 -46.13 -2.38 -8.20
C LEU A 154 -45.90 -0.92 -8.52
N LYS A 155 -46.46 -0.50 -9.65
CA LYS A 155 -46.41 0.88 -10.07
C LYS A 155 -47.74 1.34 -9.47
N ILE A 156 -47.64 1.93 -8.30
CA ILE A 156 -48.80 2.39 -7.54
C ILE A 156 -48.17 3.55 -6.79
N THR A 157 -49.02 4.47 -6.30
CA THR A 157 -48.53 5.66 -5.62
C THR A 157 -49.49 6.14 -4.54
N THR A 158 -50.61 5.44 -4.35
CA THR A 158 -51.55 5.80 -3.29
C THR A 158 -52.12 4.59 -2.59
N GLU A 159 -52.64 4.80 -1.37
CA GLU A 159 -53.22 3.70 -0.61
C GLU A 159 -54.33 3.10 -1.41
N LYS A 160 -55.03 3.94 -2.17
CA LYS A 160 -56.16 3.48 -2.96
C LYS A 160 -55.69 2.59 -4.10
N GLU A 161 -54.73 3.09 -4.88
CA GLU A 161 -54.15 2.30 -5.94
C GLU A 161 -53.67 0.94 -5.46
N LEU A 162 -52.95 0.92 -4.34
CA LEU A 162 -52.51 -0.33 -3.74
C LEU A 162 -53.66 -1.31 -3.50
N ILE A 163 -54.72 -0.81 -2.88
CA ILE A 163 -55.81 -1.67 -2.43
C ILE A 163 -56.51 -2.29 -3.62
N LYS A 164 -56.60 -1.50 -4.68
CA LYS A 164 -57.32 -1.92 -5.85
C LYS A 164 -56.43 -2.86 -6.64
N GLU A 165 -55.14 -2.58 -6.68
CA GLU A 165 -54.15 -3.47 -7.27
C GLU A 165 -54.10 -4.82 -6.56
N LEU A 166 -54.44 -4.79 -5.28
CA LEU A 166 -54.46 -6.01 -4.47
C LEU A 166 -55.74 -6.78 -4.75
N GLY A 167 -56.64 -6.14 -5.50
CA GLY A 167 -57.94 -6.71 -5.80
C GLY A 167 -58.82 -6.75 -4.57
N PHE A 168 -59.18 -5.57 -4.05
CA PHE A 168 -60.11 -5.43 -2.92
C PHE A 168 -60.99 -4.19 -3.01
N THR A 169 -62.21 -4.28 -2.50
CA THR A 169 -63.06 -3.12 -2.60
C THR A 169 -62.56 -2.05 -1.65
N TYR A 170 -62.26 -0.90 -2.21
CA TYR A 170 -61.81 0.25 -1.43
C TYR A 170 -62.86 0.68 -0.44
N ARG A 171 -62.54 0.63 0.85
CA ARG A 171 -63.41 1.16 1.88
C ARG A 171 -62.79 2.41 2.54
N ILE A 172 -63.62 3.40 2.90
CA ILE A 172 -63.12 4.60 3.58
C ILE A 172 -62.57 4.14 4.90
N PRO A 173 -61.54 4.85 5.41
CA PRO A 173 -60.90 4.38 6.65
C PRO A 173 -61.90 4.05 7.75
N LYS A 174 -62.91 4.88 7.93
CA LYS A 174 -63.85 4.68 9.03
C LYS A 174 -64.79 3.49 8.83
N LYS A 175 -64.71 2.85 7.68
CA LYS A 175 -65.59 1.71 7.40
C LYS A 175 -64.84 0.40 7.20
N ARG A 176 -63.63 0.30 7.73
CA ARG A 176 -62.89 -0.95 7.64
C ARG A 176 -63.03 -1.73 8.95
N LEU A 177 -63.42 -3.01 8.84
CA LEU A 177 -63.51 -3.91 10.01
C LEU A 177 -63.05 -5.38 9.73
N MET B 4 6.36 28.52 -10.06
CA MET B 4 5.67 29.10 -11.21
C MET B 4 6.39 28.74 -12.51
N LEU B 5 5.61 28.61 -13.58
CA LEU B 5 6.17 28.26 -14.90
C LEU B 5 5.69 29.13 -16.05
N THR B 6 6.14 28.77 -17.25
CA THR B 6 5.60 29.31 -18.49
C THR B 6 4.93 28.19 -19.24
N LEU B 7 4.06 28.57 -20.16
CA LEU B 7 3.38 27.61 -21.00
C LEU B 7 4.39 26.70 -21.69
N ILE B 8 5.41 27.31 -22.30
CA ILE B 8 6.38 26.54 -23.08
C ILE B 8 7.11 25.45 -22.28
N GLN B 9 7.44 25.80 -21.05
CA GLN B 9 8.12 24.90 -20.13
C GLN B 9 7.23 23.74 -19.75
N GLY B 10 6.00 24.07 -19.36
CA GLY B 10 5.03 23.06 -19.01
C GLY B 10 4.83 22.07 -20.14
N LYS B 11 4.67 22.57 -21.37
CA LYS B 11 4.50 21.68 -22.51
C LYS B 11 5.66 20.71 -22.59
N LYS B 12 6.87 21.23 -22.35
CA LYS B 12 8.09 20.42 -22.39
C LYS B 12 8.01 19.29 -21.37
N ILE B 13 7.74 19.66 -20.11
CA ILE B 13 7.63 18.70 -19.02
C ILE B 13 6.63 17.63 -19.37
N VAL B 14 5.47 18.04 -19.88
CA VAL B 14 4.46 17.11 -20.39
C VAL B 14 5.02 16.15 -21.46
N ASN B 15 5.90 16.67 -22.32
CA ASN B 15 6.51 15.83 -23.35
C ASN B 15 7.49 14.84 -22.74
N HIS B 16 8.19 15.29 -21.70
CA HIS B 16 9.21 14.46 -21.08
C HIS B 16 8.60 13.29 -20.33
N LEU B 17 7.35 13.43 -19.89
CA LEU B 17 6.70 12.43 -19.03
C LEU B 17 5.82 11.42 -19.74
N ARG B 18 5.38 11.72 -20.96
CA ARG B 18 4.47 10.85 -21.69
C ARG B 18 5.04 9.45 -21.81
N SER B 19 6.36 9.41 -21.98
CA SER B 19 7.11 8.19 -22.26
C SER B 19 7.84 7.66 -21.01
N ARG B 20 7.61 8.31 -19.88
CA ARG B 20 8.28 7.92 -18.65
C ARG B 20 7.30 7.60 -17.52
N LEU B 21 6.18 6.97 -17.87
CA LEU B 21 5.14 6.68 -16.88
C LEU B 21 4.83 5.21 -16.67
N ALA B 22 4.78 4.83 -15.40
CA ALA B 22 4.49 3.46 -15.02
C ALA B 22 4.13 3.34 -13.54
N PHE B 23 3.34 2.33 -13.21
CA PHE B 23 2.86 2.07 -11.84
C PHE B 23 3.16 0.62 -11.38
N GLU B 24 3.36 0.40 -10.07
CA GLU B 24 3.72 -0.93 -9.52
C GLU B 24 2.50 -1.79 -9.12
N TYR B 25 2.39 -2.98 -9.70
CA TYR B 25 1.20 -3.82 -9.55
C TYR B 25 1.58 -5.29 -9.40
N ASN B 26 1.53 -5.81 -8.17
CA ASN B 26 1.96 -7.17 -7.89
C ASN B 26 3.41 -7.36 -8.28
N GLY B 27 4.26 -6.42 -7.86
CA GLY B 27 5.67 -6.45 -8.18
C GLY B 27 5.98 -6.30 -9.67
N GLN B 28 4.96 -6.01 -10.47
CA GLN B 28 5.13 -5.78 -11.91
C GLN B 28 5.02 -4.29 -12.23
N LEU B 29 6.05 -3.71 -12.84
CA LEU B 29 6.04 -2.29 -13.20
C LEU B 29 5.39 -2.04 -14.57
N ILE B 30 4.09 -1.75 -14.62
CA ILE B 30 3.37 -1.60 -15.91
C ILE B 30 3.36 -0.17 -16.53
N LYS B 31 3.81 -0.10 -17.78
CA LYS B 31 3.97 1.15 -18.53
C LYS B 31 2.63 1.83 -18.79
N ILE B 32 2.67 3.16 -18.86
CA ILE B 32 1.48 3.94 -19.18
C ILE B 32 1.63 4.54 -20.57
N LEU B 33 0.80 4.06 -21.50
CA LEU B 33 0.85 4.50 -22.88
C LEU B 33 0.56 5.98 -22.94
N SER B 34 1.28 6.70 -23.80
CA SER B 34 1.04 8.13 -23.98
C SER B 34 -0.33 8.35 -24.65
N LYS B 35 -0.81 7.31 -25.30
CA LYS B 35 -2.16 7.29 -25.88
C LYS B 35 -3.25 7.51 -24.82
N ASN B 36 -2.95 7.08 -23.59
CA ASN B 36 -3.90 7.19 -22.50
C ASN B 36 -3.43 8.18 -21.45
N ILE B 37 -2.75 9.23 -21.89
CA ILE B 37 -2.37 10.34 -21.00
C ILE B 37 -2.75 11.67 -21.65
N VAL B 38 -3.68 12.41 -21.03
CA VAL B 38 -4.15 13.68 -21.56
C VAL B 38 -3.77 14.84 -20.65
N ALA B 39 -3.21 15.91 -21.19
CA ALA B 39 -2.90 17.04 -20.33
C ALA B 39 -4.15 17.90 -20.24
N VAL B 40 -4.38 18.49 -19.07
CA VAL B 40 -5.61 19.22 -18.79
C VAL B 40 -5.21 20.45 -18.02
N GLY B 41 -6.13 21.12 -17.33
CA GLY B 41 -5.76 22.22 -16.45
C GLY B 41 -5.33 23.47 -17.20
N SER B 42 -4.69 24.41 -16.52
CA SER B 42 -4.33 25.69 -17.16
C SER B 42 -3.45 25.52 -18.41
N LEU B 43 -2.80 24.36 -18.52
CA LEU B 43 -1.99 24.04 -19.67
C LEU B 43 -2.83 23.83 -20.92
N ARG B 44 -3.90 23.04 -20.82
CA ARG B 44 -4.72 22.72 -22.00
C ARG B 44 -5.48 23.96 -22.48
N ARG B 45 -5.70 24.90 -21.56
CA ARG B 45 -6.30 26.20 -21.85
C ARG B 45 -5.22 27.20 -22.27
N GLU B 46 -4.19 26.67 -22.93
CA GLU B 46 -3.07 27.45 -23.42
C GLU B 46 -2.84 28.78 -22.70
N GLU B 47 -2.66 28.73 -21.38
CA GLU B 47 -2.41 29.92 -20.63
C GLU B 47 -0.93 30.29 -20.69
N LYS B 48 -0.64 31.59 -20.63
CA LYS B 48 0.75 32.10 -20.68
C LYS B 48 1.55 31.56 -19.50
N MET B 49 1.06 31.81 -18.29
CA MET B 49 1.79 31.47 -17.06
C MET B 49 1.08 30.33 -16.31
N LEU B 50 1.85 29.33 -15.85
CA LEU B 50 1.29 28.19 -15.11
C LEU B 50 1.56 28.25 -13.60
N ASN B 51 1.14 27.20 -12.91
CA ASN B 51 1.32 27.11 -11.47
C ASN B 51 1.66 25.66 -11.20
N ASP B 52 0.83 24.78 -11.76
CA ASP B 52 1.04 23.35 -11.65
C ASP B 52 1.12 22.75 -13.05
N VAL B 53 1.16 21.43 -13.12
CA VAL B 53 0.90 20.75 -14.37
C VAL B 53 -0.11 19.65 -14.06
N ASN B 54 -1.16 19.54 -14.86
CA ASN B 54 -2.16 18.54 -14.58
C ASN B 54 -2.28 17.57 -15.72
N LEU B 55 -2.17 16.28 -15.42
CA LEU B 55 -2.33 15.24 -16.43
C LEU B 55 -3.42 14.30 -16.02
N LEU B 56 -4.19 13.86 -16.99
CA LEU B 56 -5.23 12.87 -16.72
C LEU B 56 -4.73 11.52 -17.20
N ILE B 57 -4.73 10.50 -16.33
CA ILE B 57 -4.33 9.16 -16.77
C ILE B 57 -5.54 8.27 -16.97
N ILE B 58 -5.70 7.72 -18.17
CA ILE B 58 -6.86 6.85 -18.41
C ILE B 58 -6.57 5.38 -18.07
N VAL B 59 -7.38 4.82 -17.16
CA VAL B 59 -7.26 3.45 -16.70
C VAL B 59 -8.35 2.60 -17.35
N PRO B 60 -7.98 1.47 -17.99
CA PRO B 60 -8.94 0.65 -18.73
C PRO B 60 -9.85 -0.21 -17.83
N GLU B 61 -9.27 -0.88 -16.83
CA GLU B 61 -10.01 -1.85 -16.02
C GLU B 61 -10.28 -1.33 -14.60
N LYS B 62 -11.55 -1.35 -14.22
CA LYS B 62 -12.01 -0.86 -12.92
C LYS B 62 -11.09 -1.25 -11.74
N LYS B 63 -10.67 -2.51 -11.71
CA LYS B 63 -9.92 -3.09 -10.60
C LYS B 63 -8.54 -2.47 -10.34
N LEU B 64 -8.04 -1.73 -11.32
CA LEU B 64 -6.68 -1.20 -11.27
C LEU B 64 -6.57 0.08 -10.46
N LEU B 65 -7.68 0.77 -10.29
CA LEU B 65 -7.71 2.10 -9.68
C LEU B 65 -6.99 2.15 -8.33
N LYS B 66 -7.10 1.08 -7.56
CA LYS B 66 -6.47 1.03 -6.25
C LYS B 66 -4.95 0.95 -6.34
N HIS B 67 -4.44 0.60 -7.52
CA HIS B 67 -3.02 0.29 -7.71
C HIS B 67 -2.22 1.39 -8.42
N VAL B 68 -2.85 2.08 -9.37
CA VAL B 68 -2.14 3.03 -10.25
C VAL B 68 -1.60 4.30 -9.60
N LEU B 69 -2.49 5.12 -9.06
CA LEU B 69 -2.06 6.37 -8.42
C LEU B 69 -1.27 6.24 -7.10
N PRO B 70 -1.64 5.29 -6.22
CA PRO B 70 -0.84 5.22 -4.99
C PRO B 70 0.58 4.72 -5.26
N ASN B 71 0.70 3.77 -6.19
CA ASN B 71 1.98 3.18 -6.55
C ASN B 71 2.50 3.68 -7.92
N ILE B 72 2.58 5.00 -8.11
CA ILE B 72 3.01 5.55 -9.41
C ILE B 72 4.53 5.74 -9.48
N ARG B 73 5.14 5.44 -10.63
CA ARG B 73 6.60 5.57 -10.81
C ARG B 73 7.01 6.38 -12.06
N ILE B 74 8.06 7.19 -11.91
CA ILE B 74 8.57 8.04 -13.00
C ILE B 74 10.07 7.89 -13.22
N LYS B 75 10.46 7.54 -14.44
CA LYS B 75 11.86 7.28 -14.72
C LYS B 75 12.75 8.49 -14.49
N GLY B 76 13.70 8.31 -13.57
CA GLY B 76 14.82 9.21 -13.42
C GLY B 76 14.51 10.58 -12.88
N LEU B 77 13.37 10.71 -12.22
CA LEU B 77 13.04 12.01 -11.65
C LEU B 77 12.86 11.93 -10.15
N SER B 78 13.42 12.91 -9.46
CA SER B 78 13.21 13.06 -8.03
C SER B 78 11.83 13.67 -7.85
N PHE B 79 11.01 13.04 -7.00
CA PHE B 79 9.70 13.61 -6.65
C PHE B 79 9.20 13.20 -5.26
N SER B 80 8.91 14.18 -4.40
CA SER B 80 8.20 13.87 -3.16
C SER B 80 6.71 13.60 -3.46
N VAL B 81 5.88 13.41 -2.43
CA VAL B 81 4.41 13.24 -2.59
C VAL B 81 3.67 13.96 -1.45
N LYS B 82 2.69 14.81 -1.78
CA LYS B 82 1.99 15.57 -0.75
C LYS B 82 0.74 14.83 -0.26
N VAL B 83 -0.10 14.41 -1.20
CA VAL B 83 -1.27 13.62 -0.86
C VAL B 83 -1.48 12.61 -1.97
N CYS B 84 -2.17 11.52 -1.66
CA CYS B 84 -2.49 10.58 -2.72
C CYS B 84 -3.74 9.76 -2.42
N GLY B 85 -4.58 9.63 -3.43
CA GLY B 85 -5.76 8.79 -3.37
C GLY B 85 -5.75 7.93 -4.60
N GLU B 86 -6.88 7.31 -4.91
CA GLU B 86 -7.01 6.52 -6.12
C GLU B 86 -7.29 7.41 -7.32
N ARG B 87 -7.89 8.58 -7.06
CA ARG B 87 -8.47 9.44 -8.10
C ARG B 87 -7.71 10.75 -8.33
N LYS B 88 -7.07 11.28 -7.28
CA LYS B 88 -6.23 12.48 -7.37
C LYS B 88 -4.93 12.22 -6.64
N CYS B 89 -3.85 12.75 -7.22
CA CYS B 89 -2.52 12.67 -6.64
C CYS B 89 -1.81 14.01 -6.85
N VAL B 90 -1.06 14.45 -5.84
CA VAL B 90 -0.31 15.70 -5.92
C VAL B 90 1.18 15.44 -5.67
N LEU B 91 2.03 15.66 -6.67
CA LEU B 91 3.48 15.44 -6.51
C LEU B 91 4.26 16.74 -6.58
N PHE B 92 5.38 16.80 -5.86
CA PHE B 92 6.33 17.87 -6.10
C PHE B 92 7.56 17.28 -6.72
N ILE B 93 7.93 17.81 -7.88
CA ILE B 93 9.06 17.26 -8.59
C ILE B 93 10.20 18.26 -8.60
N GLU B 94 11.38 17.76 -8.97
CA GLU B 94 12.55 18.59 -9.21
C GLU B 94 12.75 18.57 -10.71
N TRP B 95 12.86 19.74 -11.33
CA TRP B 95 13.10 19.80 -12.76
C TRP B 95 14.12 20.87 -13.02
N GLU B 96 15.22 20.48 -13.68
CA GLU B 96 16.31 21.40 -13.96
C GLU B 96 16.61 22.19 -12.68
N LYS B 97 16.80 21.46 -11.58
CA LYS B 97 17.07 22.04 -10.26
C LYS B 97 16.12 23.15 -9.80
N LYS B 98 14.84 22.81 -9.69
CA LYS B 98 13.78 23.68 -9.18
C LYS B 98 12.56 22.84 -8.78
N THR B 99 11.70 23.35 -7.89
CA THR B 99 10.48 22.62 -7.52
C THR B 99 9.14 23.10 -8.12
N TYR B 100 8.47 22.18 -8.81
CA TYR B 100 7.25 22.47 -9.52
C TYR B 100 6.16 21.47 -9.15
N GLN B 101 4.99 21.95 -8.75
CA GLN B 101 3.87 21.07 -8.40
C GLN B 101 3.31 20.34 -9.61
N LEU B 102 3.11 19.03 -9.49
CA LEU B 102 2.44 18.27 -10.53
C LEU B 102 1.23 17.50 -10.01
N ASP B 103 0.09 17.63 -10.68
CA ASP B 103 -1.14 16.96 -10.23
C ASP B 103 -1.58 15.86 -11.20
N LEU B 104 -1.98 14.71 -10.66
CA LEU B 104 -2.38 13.58 -11.51
C LEU B 104 -3.81 13.14 -11.26
N PHE B 105 -4.50 12.71 -12.31
CA PHE B 105 -5.89 12.31 -12.14
C PHE B 105 -6.19 11.01 -12.93
N THR B 106 -7.35 10.37 -12.65
CA THR B 106 -7.63 9.06 -13.24
C THR B 106 -9.09 8.87 -13.63
N ALA B 107 -9.31 8.34 -14.82
CA ALA B 107 -10.66 8.13 -15.34
C ALA B 107 -10.67 6.82 -16.12
N LEU B 108 -11.84 6.23 -16.27
CA LEU B 108 -11.96 4.98 -17.02
C LEU B 108 -12.53 5.26 -18.40
N ALA B 109 -12.36 4.31 -19.31
CA ALA B 109 -12.72 4.52 -20.72
C ALA B 109 -14.04 5.27 -20.99
N GLU B 110 -15.14 4.85 -20.37
CA GLU B 110 -16.42 5.45 -20.69
C GLU B 110 -16.62 6.75 -19.94
N GLU B 111 -15.65 7.08 -19.08
CA GLU B 111 -15.65 8.34 -18.35
C GLU B 111 -14.80 9.38 -19.05
N LYS B 112 -14.05 8.96 -20.07
CA LYS B 112 -13.04 9.83 -20.67
C LYS B 112 -13.57 11.21 -21.11
N PRO B 113 -14.70 11.24 -21.85
CA PRO B 113 -15.09 12.59 -22.30
C PRO B 113 -15.52 13.45 -21.12
N TYR B 114 -16.35 12.91 -20.24
CA TYR B 114 -16.73 13.65 -19.06
C TYR B 114 -15.50 14.09 -18.27
N ALA B 115 -14.45 13.30 -18.31
CA ALA B 115 -13.29 13.54 -17.43
C ALA B 115 -12.45 14.71 -17.92
N ILE B 116 -12.28 14.76 -19.24
CA ILE B 116 -11.49 15.79 -19.87
C ILE B 116 -12.21 17.10 -19.64
N PHE B 117 -13.46 17.11 -20.07
CA PHE B 117 -14.31 18.28 -19.92
C PHE B 117 -14.34 18.81 -18.47
N HIS B 118 -14.21 17.92 -17.49
CA HIS B 118 -14.26 18.41 -16.12
C HIS B 118 -12.95 19.05 -15.75
N PHE B 119 -11.87 18.47 -16.25
CA PHE B 119 -10.54 18.81 -15.76
C PHE B 119 -9.86 19.85 -16.62
N THR B 120 -10.39 20.07 -17.83
CA THR B 120 -9.98 21.22 -18.60
C THR B 120 -10.47 22.47 -17.89
N GLY B 121 -11.75 22.50 -17.57
CA GLY B 121 -12.29 23.63 -16.88
C GLY B 121 -12.53 24.74 -17.87
N PRO B 122 -12.37 25.99 -17.44
CA PRO B 122 -11.97 26.41 -16.09
C PRO B 122 -13.17 26.34 -15.16
N VAL B 123 -13.00 26.78 -13.91
CA VAL B 123 -14.08 26.62 -12.95
C VAL B 123 -15.35 27.35 -13.39
N SER B 124 -15.22 28.65 -13.58
CA SER B 124 -16.37 29.47 -13.93
C SER B 124 -17.12 28.87 -15.10
N TYR B 125 -16.40 28.30 -16.07
CA TYR B 125 -17.08 27.70 -17.19
C TYR B 125 -17.87 26.47 -16.76
N LEU B 126 -17.24 25.59 -15.99
CA LEU B 126 -17.94 24.45 -15.38
C LEU B 126 -19.16 24.90 -14.59
N ILE B 127 -18.95 25.89 -13.73
CA ILE B 127 -20.06 26.34 -12.92
C ILE B 127 -21.27 26.81 -13.75
N ARG B 128 -21.07 27.65 -14.78
CA ARG B 128 -22.18 28.00 -15.71
C ARG B 128 -22.87 26.77 -16.21
N ILE B 129 -22.10 25.86 -16.80
CA ILE B 129 -22.64 24.66 -17.41
C ILE B 129 -23.47 23.81 -16.44
N ARG B 130 -22.86 23.49 -15.30
CA ARG B 130 -23.51 22.56 -14.39
C ARG B 130 -24.78 23.17 -13.84
N ALA B 131 -24.77 24.48 -13.63
CA ALA B 131 -25.97 25.16 -13.15
C ALA B 131 -27.09 25.06 -14.18
N ALA B 132 -26.72 25.22 -15.45
CA ALA B 132 -27.68 25.25 -16.54
C ALA B 132 -28.40 23.92 -16.69
N LEU B 133 -27.65 22.83 -16.58
CA LEU B 133 -28.22 21.49 -16.61
C LEU B 133 -28.87 21.12 -15.26
N LYS B 134 -28.61 21.90 -14.21
CA LYS B 134 -29.26 21.62 -12.93
C LYS B 134 -30.70 22.05 -13.04
N LYS B 135 -30.93 23.13 -13.81
CA LYS B 135 -32.27 23.68 -13.99
C LYS B 135 -33.11 22.81 -14.93
N LYS B 136 -32.48 21.83 -15.58
CA LYS B 136 -33.22 20.90 -16.41
C LYS B 136 -33.27 19.50 -15.76
N ASN B 137 -32.96 19.45 -14.46
CA ASN B 137 -33.02 18.23 -13.62
C ASN B 137 -31.81 17.24 -13.75
N TYR B 138 -30.77 17.66 -14.45
CA TYR B 138 -29.54 16.87 -14.57
C TYR B 138 -28.49 17.22 -13.51
N LYS B 139 -27.53 16.32 -13.34
CA LYS B 139 -26.31 16.60 -12.58
C LYS B 139 -25.16 16.27 -13.48
N LEU B 140 -24.14 17.12 -13.57
CA LEU B 140 -22.95 16.74 -14.34
C LEU B 140 -21.72 16.65 -13.45
N ASN B 141 -20.89 15.64 -13.68
CA ASN B 141 -19.58 15.62 -13.03
C ASN B 141 -18.54 14.98 -13.91
N GLN B 142 -17.39 14.67 -13.31
CA GLN B 142 -16.25 14.15 -14.04
C GLN B 142 -16.49 12.70 -14.42
N TYR B 143 -17.61 12.15 -13.97
CA TYR B 143 -17.91 10.75 -14.20
C TYR B 143 -18.96 10.55 -15.29
N GLY B 144 -19.98 11.37 -15.29
CA GLY B 144 -20.94 11.31 -16.38
C GLY B 144 -22.15 12.19 -16.17
N LEU B 145 -23.20 11.92 -16.94
CA LEU B 145 -24.40 12.74 -16.85
C LEU B 145 -25.45 11.98 -16.06
N PHE B 146 -26.14 12.61 -15.12
CA PHE B 146 -27.14 11.87 -14.34
C PHE B 146 -28.46 12.54 -14.28
N LYS B 147 -29.57 11.87 -14.54
CA LYS B 147 -30.83 12.55 -14.42
C LYS B 147 -31.50 12.37 -13.09
N ASN B 148 -31.70 11.14 -12.62
CA ASN B 148 -32.33 10.96 -11.32
C ASN B 148 -31.38 10.31 -10.35
N GLN B 149 -30.98 9.13 -10.59
CA GLN B 149 -29.97 8.54 -9.79
C GLN B 149 -29.08 7.94 -10.82
N THR B 150 -29.74 7.23 -11.73
CA THR B 150 -29.29 6.49 -12.84
C THR B 150 -28.53 7.41 -13.77
N LEU B 151 -27.38 6.98 -14.20
CA LEU B 151 -26.61 7.79 -15.13
C LEU B 151 -27.05 7.65 -16.59
N VAL B 152 -27.33 8.80 -17.21
CA VAL B 152 -27.76 8.87 -18.59
C VAL B 152 -26.66 8.34 -19.50
N PRO B 153 -26.95 7.27 -20.25
CA PRO B 153 -25.97 6.82 -21.24
C PRO B 153 -26.07 7.67 -22.51
N LEU B 154 -24.92 8.20 -22.93
CA LEU B 154 -24.86 9.07 -24.11
C LEU B 154 -24.03 8.43 -25.21
N LYS B 155 -24.61 8.36 -26.41
CA LYS B 155 -23.90 7.87 -27.58
C LYS B 155 -22.85 8.88 -28.05
N ILE B 156 -21.82 9.09 -27.22
CA ILE B 156 -20.69 9.94 -27.53
C ILE B 156 -19.35 9.28 -27.23
N THR B 157 -18.30 9.83 -27.80
CA THR B 157 -16.98 9.28 -27.56
C THR B 157 -15.93 10.37 -27.34
N THR B 158 -16.14 11.53 -27.94
CA THR B 158 -15.19 12.62 -27.81
C THR B 158 -15.73 13.76 -26.93
N GLU B 159 -14.84 14.59 -26.39
CA GLU B 159 -15.26 15.75 -25.59
C GLU B 159 -16.13 16.68 -26.44
N LYS B 160 -15.65 17.01 -27.64
CA LYS B 160 -16.45 17.85 -28.56
C LYS B 160 -17.84 17.24 -28.73
N GLU B 161 -17.90 15.95 -29.08
CA GLU B 161 -19.16 15.21 -29.18
C GLU B 161 -20.05 15.40 -27.94
N LEU B 162 -19.46 15.28 -26.75
CA LEU B 162 -20.21 15.41 -25.50
C LEU B 162 -20.80 16.80 -25.29
N ILE B 163 -20.02 17.83 -25.59
CA ILE B 163 -20.48 19.20 -25.39
C ILE B 163 -21.66 19.52 -26.32
N LYS B 164 -21.62 18.99 -27.53
CA LYS B 164 -22.66 19.32 -28.50
C LYS B 164 -23.90 18.51 -28.20
N GLU B 165 -23.69 17.31 -27.65
CA GLU B 165 -24.77 16.51 -27.06
C GLU B 165 -25.44 17.22 -25.87
N LEU B 166 -24.66 17.79 -24.96
CA LEU B 166 -25.22 18.60 -23.88
C LEU B 166 -25.79 19.92 -24.41
N GLY B 167 -25.90 20.01 -25.73
CA GLY B 167 -26.47 21.16 -26.42
C GLY B 167 -25.81 22.47 -26.10
N PHE B 168 -24.50 22.56 -26.25
CA PHE B 168 -23.74 23.77 -25.89
C PHE B 168 -22.75 24.15 -26.98
N THR B 169 -22.54 25.44 -27.19
CA THR B 169 -21.62 25.79 -28.26
C THR B 169 -20.25 25.23 -27.92
N TYR B 170 -19.64 24.55 -28.88
CA TYR B 170 -18.31 24.01 -28.71
C TYR B 170 -17.25 25.05 -28.96
N ARG B 171 -16.51 25.36 -27.91
CA ARG B 171 -15.41 26.28 -28.02
C ARG B 171 -14.08 25.59 -27.65
N ILE B 172 -12.99 25.94 -28.32
CA ILE B 172 -11.69 25.38 -27.93
C ILE B 172 -11.41 25.79 -26.49
N PRO B 173 -10.57 25.04 -25.81
CA PRO B 173 -10.32 25.25 -24.38
C PRO B 173 -9.82 26.64 -23.99
N LYS B 174 -9.16 27.36 -24.87
CA LYS B 174 -8.62 28.65 -24.45
C LYS B 174 -9.63 29.76 -24.67
N LYS B 175 -10.86 29.37 -24.93
CA LYS B 175 -11.96 30.31 -25.03
C LYS B 175 -13.16 29.82 -24.22
N ARG B 176 -12.92 29.32 -23.02
CA ARG B 176 -13.97 28.82 -22.15
C ARG B 176 -13.95 29.68 -20.88
N LEU B 177 -15.07 30.35 -20.56
CA LEU B 177 -15.12 31.26 -19.40
C LEU B 177 -16.39 31.26 -18.50
N MET E 4 10.13 22.97 15.13
CA MET E 4 8.93 22.33 15.66
C MET E 4 7.94 21.90 14.58
N LEU E 5 7.29 20.75 14.82
CA LEU E 5 6.38 20.12 13.87
C LEU E 5 5.00 19.92 14.48
N THR E 6 3.99 19.86 13.63
CA THR E 6 2.68 19.39 14.04
C THR E 6 2.73 17.86 13.90
N LEU E 7 1.86 17.15 14.62
CA LEU E 7 1.87 15.70 14.59
C LEU E 7 1.63 15.21 13.17
N ILE E 8 0.79 15.96 12.45
CA ILE E 8 0.48 15.66 11.06
C ILE E 8 1.74 15.63 10.19
N GLN E 9 2.44 16.76 10.14
CA GLN E 9 3.70 16.86 9.42
C GLN E 9 4.63 15.69 9.77
N GLY E 10 4.66 15.33 11.05
CA GLY E 10 5.46 14.23 11.54
C GLY E 10 5.11 12.90 10.91
N LYS E 11 3.82 12.59 10.85
CA LYS E 11 3.36 11.34 10.25
C LYS E 11 3.66 11.30 8.76
N LYS E 12 3.66 12.48 8.14
CA LYS E 12 4.02 12.64 6.72
C LYS E 12 5.49 12.28 6.48
N ILE E 13 6.38 12.91 7.26
CA ILE E 13 7.83 12.67 7.16
C ILE E 13 8.19 11.20 7.34
N VAL E 14 7.52 10.53 8.27
CA VAL E 14 7.76 9.10 8.52
C VAL E 14 7.49 8.28 7.27
N ASN E 15 6.37 8.57 6.61
CA ASN E 15 6.01 7.86 5.39
C ASN E 15 7.06 8.03 4.27
N HIS E 16 7.58 9.25 4.10
CA HIS E 16 8.59 9.56 3.06
C HIS E 16 9.85 8.74 3.25
N LEU E 17 10.10 8.31 4.49
CA LEU E 17 11.34 7.65 4.84
C LEU E 17 11.26 6.13 4.73
N ARG E 18 10.08 5.58 4.96
CA ARG E 18 9.92 4.13 5.07
C ARG E 18 10.46 3.40 3.83
N SER E 19 10.42 4.11 2.71
CA SER E 19 10.83 3.58 1.41
C SER E 19 12.08 4.25 0.89
N ARG E 20 12.75 5.03 1.74
CA ARG E 20 13.95 5.74 1.32
C ARG E 20 15.08 5.57 2.32
N LEU E 21 15.09 4.44 3.02
CA LEU E 21 16.16 4.19 3.98
C LEU E 21 17.11 3.07 3.57
N ALA E 22 18.40 3.37 3.69
CA ALA E 22 19.46 2.45 3.31
C ALA E 22 20.76 2.81 4.02
N PHE E 23 21.60 1.80 4.26
CA PHE E 23 22.95 2.00 4.77
C PHE E 23 24.01 1.38 3.85
N GLU E 24 25.29 1.57 4.17
CA GLU E 24 26.39 1.03 3.36
C GLU E 24 27.18 -0.08 4.08
N TYR E 25 27.32 -1.23 3.44
CA TYR E 25 28.02 -2.36 4.04
C TYR E 25 28.80 -3.13 2.97
N ASN E 26 30.12 -3.10 3.08
CA ASN E 26 31.00 -3.71 2.08
C ASN E 26 30.85 -3.08 0.70
N GLY E 27 30.61 -1.77 0.68
CA GLY E 27 30.41 -1.03 -0.55
C GLY E 27 29.03 -1.27 -1.16
N GLN E 28 28.23 -2.11 -0.52
CA GLN E 28 26.89 -2.42 -0.99
C GLN E 28 25.84 -1.55 -0.30
N LEU E 29 25.11 -0.74 -1.06
CA LEU E 29 23.99 0.00 -0.50
C LEU E 29 22.84 -0.96 -0.18
N ILE E 30 22.62 -1.23 1.10
CA ILE E 30 21.62 -2.21 1.56
C ILE E 30 20.26 -1.58 1.97
N LYS E 31 19.18 -2.01 1.29
CA LYS E 31 17.83 -1.48 1.48
C LYS E 31 17.25 -1.81 2.84
N ILE E 32 16.65 -0.83 3.49
CA ILE E 32 16.01 -1.07 4.77
C ILE E 32 14.50 -1.25 4.60
N LEU E 33 13.98 -2.33 5.16
CA LEU E 33 12.57 -2.65 5.06
C LEU E 33 11.76 -1.79 6.00
N SER E 34 10.65 -1.24 5.50
CA SER E 34 9.78 -0.47 6.36
C SER E 34 9.09 -1.37 7.40
N LYS E 35 9.19 -2.69 7.20
CA LYS E 35 8.67 -3.64 8.18
C LYS E 35 9.38 -3.43 9.51
N ASN E 36 10.69 -3.24 9.43
CA ASN E 36 11.57 -3.14 10.59
C ASN E 36 11.90 -1.70 11.01
N ILE E 37 11.10 -0.76 10.52
CA ILE E 37 11.17 0.63 10.96
C ILE E 37 9.94 0.94 11.85
N VAL E 38 10.18 1.19 13.14
CA VAL E 38 9.13 1.51 14.15
C VAL E 38 9.15 2.99 14.49
N ALA E 39 8.01 3.64 14.52
CA ALA E 39 7.99 5.06 14.89
C ALA E 39 7.70 5.19 16.38
N VAL E 40 8.55 5.93 17.09
CA VAL E 40 8.48 5.99 18.56
C VAL E 40 8.52 7.41 19.13
N GLY E 41 8.69 7.52 20.45
CA GLY E 41 8.78 8.83 21.08
C GLY E 41 7.47 9.57 21.03
N SER E 42 7.52 10.89 21.23
CA SER E 42 6.30 11.69 21.33
C SER E 42 5.38 11.54 20.11
N LEU E 43 5.91 10.96 19.03
CA LEU E 43 5.10 10.69 17.85
C LEU E 43 4.14 9.52 18.10
N ARG E 44 4.67 8.41 18.61
CA ARG E 44 3.84 7.24 18.86
C ARG E 44 2.78 7.51 19.95
N ARG E 45 3.10 8.45 20.84
CA ARG E 45 2.13 8.90 21.84
C ARG E 45 1.09 9.84 21.23
N GLU E 46 1.20 10.07 19.92
CA GLU E 46 0.27 10.94 19.21
C GLU E 46 0.09 12.31 19.87
N GLU E 47 1.20 12.90 20.32
CA GLU E 47 1.17 14.24 20.88
C GLU E 47 0.80 15.24 19.78
N LYS E 48 0.18 16.35 20.18
CA LYS E 48 -0.23 17.40 19.26
C LYS E 48 0.97 17.95 18.53
N MET E 49 1.91 18.50 19.31
CA MET E 49 3.09 19.14 18.77
C MET E 49 4.39 18.36 19.09
N LEU E 50 5.27 18.25 18.09
CA LEU E 50 6.53 17.50 18.22
C LEU E 50 7.78 18.40 18.29
N ASN E 51 8.89 17.84 18.78
CA ASN E 51 10.18 18.53 18.74
C ASN E 51 11.19 17.83 17.87
N ASP E 52 11.00 16.50 17.80
CA ASP E 52 11.85 15.60 17.02
C ASP E 52 11.04 14.36 16.63
N VAL E 53 11.50 13.64 15.62
CA VAL E 53 10.82 12.45 15.14
C VAL E 53 11.74 11.30 15.46
N ASN E 54 11.28 10.33 16.23
CA ASN E 54 12.18 9.27 16.66
C ASN E 54 11.89 7.99 15.90
N LEU E 55 12.93 7.35 15.40
CA LEU E 55 12.76 6.11 14.65
C LEU E 55 13.54 4.98 15.26
N LEU E 56 12.91 3.83 15.43
CA LEU E 56 13.63 2.66 15.91
C LEU E 56 13.80 1.67 14.76
N ILE E 57 15.04 1.30 14.49
CA ILE E 57 15.35 0.38 13.39
C ILE E 57 15.74 -1.01 13.91
N ILE E 58 14.94 -2.00 13.51
CA ILE E 58 15.20 -3.38 13.89
C ILE E 58 16.37 -3.88 13.07
N VAL E 59 17.29 -4.58 13.73
CA VAL E 59 18.45 -5.14 13.04
C VAL E 59 18.57 -6.63 13.33
N PRO E 60 18.63 -7.45 12.26
CA PRO E 60 18.74 -8.91 12.38
C PRO E 60 20.06 -9.34 13.03
N GLU E 61 21.17 -9.10 12.35
CA GLU E 61 22.48 -9.52 12.85
C GLU E 61 23.22 -8.60 13.81
N LYS E 62 23.73 -9.19 14.88
CA LYS E 62 24.52 -8.45 15.88
C LYS E 62 25.76 -7.79 15.26
N LYS E 63 26.37 -8.47 14.31
CA LYS E 63 27.57 -7.97 13.63
C LYS E 63 27.29 -6.70 12.82
N LEU E 64 26.03 -6.45 12.51
CA LEU E 64 25.66 -5.35 11.63
C LEU E 64 25.52 -4.01 12.34
N LEU E 65 25.53 -4.03 13.67
CA LEU E 65 25.34 -2.82 14.47
C LEU E 65 26.36 -1.73 14.12
N LYS E 66 27.59 -2.16 13.84
CA LYS E 66 28.70 -1.24 13.58
C LYS E 66 28.67 -0.58 12.19
N HIS E 67 27.79 -1.02 11.30
CA HIS E 67 27.77 -0.52 9.93
C HIS E 67 26.52 0.29 9.58
N VAL E 68 25.39 -0.10 10.17
CA VAL E 68 24.06 0.49 9.90
C VAL E 68 24.00 1.99 10.17
N LEU E 69 24.04 2.35 11.45
CA LEU E 69 24.01 3.76 11.83
C LEU E 69 25.17 4.64 11.31
N PRO E 70 26.44 4.18 11.42
CA PRO E 70 27.54 5.02 10.97
C PRO E 70 27.48 5.41 9.49
N ASN E 71 27.05 4.46 8.66
CA ASN E 71 26.95 4.69 7.23
C ASN E 71 25.48 4.78 6.74
N ILE E 72 24.73 5.78 7.21
CA ILE E 72 23.29 5.91 6.89
C ILE E 72 22.97 6.84 5.70
N ARG E 73 22.15 6.34 4.78
CA ARG E 73 21.83 7.09 3.55
C ARG E 73 20.34 7.25 3.32
N ILE E 74 19.90 8.50 3.21
CA ILE E 74 18.53 8.81 2.86
C ILE E 74 18.45 9.27 1.41
N LYS E 75 17.65 8.56 0.60
CA LYS E 75 17.54 8.86 -0.83
C LYS E 75 16.97 10.26 -1.12
N GLY E 76 17.80 11.10 -1.71
CA GLY E 76 17.37 12.41 -2.18
C GLY E 76 16.96 13.35 -1.07
N LEU E 77 17.57 13.22 0.10
CA LEU E 77 17.30 14.16 1.18
C LEU E 77 18.58 14.75 1.76
N SER E 78 18.56 16.07 1.97
CA SER E 78 19.68 16.77 2.57
C SER E 78 19.66 16.56 4.07
N PHE E 79 20.75 16.04 4.62
CA PHE E 79 20.89 15.84 6.06
C PHE E 79 22.34 16.00 6.55
N SER E 80 22.54 16.91 7.50
CA SER E 80 23.82 17.03 8.21
C SER E 80 23.77 16.11 9.44
N VAL E 81 24.90 15.87 10.10
CA VAL E 81 24.94 14.98 11.28
C VAL E 81 25.50 15.66 12.54
N LYS E 82 24.74 15.64 13.63
CA LYS E 82 25.25 16.15 14.91
C LYS E 82 26.16 15.11 15.59
N VAL E 83 25.57 14.01 16.03
CA VAL E 83 26.32 12.90 16.58
C VAL E 83 25.88 11.62 15.90
N CYS E 84 26.56 10.51 16.19
CA CYS E 84 26.21 9.24 15.58
C CYS E 84 27.07 8.11 16.13
N GLY E 85 26.42 7.08 16.63
CA GLY E 85 27.15 5.96 17.21
C GLY E 85 26.50 4.67 16.75
N GLU E 86 26.76 3.58 17.46
CA GLU E 86 26.19 2.29 17.08
C GLU E 86 24.69 2.19 17.39
N ARG E 87 24.27 2.93 18.42
CA ARG E 87 22.95 2.76 19.02
C ARG E 87 22.01 3.97 18.90
N LYS E 88 22.57 5.17 18.80
CA LYS E 88 21.78 6.39 18.66
C LYS E 88 22.41 7.15 17.52
N CYS E 89 21.71 8.12 16.98
CA CYS E 89 22.21 8.91 15.89
C CYS E 89 21.32 10.13 15.74
N VAL E 90 21.90 11.29 15.54
CA VAL E 90 21.07 12.48 15.52
C VAL E 90 21.30 13.32 14.27
N LEU E 91 20.24 13.49 13.47
CA LEU E 91 20.32 14.23 12.21
C LEU E 91 19.59 15.57 12.24
N PHE E 92 20.03 16.49 11.39
CA PHE E 92 19.27 17.70 11.08
C PHE E 92 18.92 17.67 9.60
N ILE E 93 17.64 17.48 9.28
CA ILE E 93 17.23 17.35 7.89
C ILE E 93 16.61 18.62 7.30
N GLU E 94 16.57 18.70 5.97
CA GLU E 94 15.90 19.78 5.27
C GLU E 94 14.58 19.23 4.72
N TRP E 95 13.46 19.76 5.22
CA TRP E 95 12.15 19.29 4.77
C TRP E 95 11.26 20.47 4.41
N GLU E 96 10.93 20.58 3.13
CA GLU E 96 10.15 21.69 2.61
C GLU E 96 10.73 23.02 3.10
N LYS E 97 12.05 23.18 2.93
CA LYS E 97 12.77 24.41 3.29
C LYS E 97 12.67 24.82 4.77
N LYS E 98 12.81 23.84 5.66
CA LYS E 98 12.98 24.11 7.08
C LYS E 98 13.81 23.00 7.74
N THR E 99 14.52 23.35 8.80
CA THR E 99 15.41 22.39 9.48
C THR E 99 14.70 21.70 10.64
N TYR E 100 14.69 20.37 10.61
CA TYR E 100 13.98 19.56 11.62
C TYR E 100 14.90 18.49 12.20
N GLN E 101 14.88 18.30 13.52
CA GLN E 101 15.71 17.25 14.12
C GLN E 101 15.07 15.87 14.04
N LEU E 102 15.82 14.91 13.50
CA LEU E 102 15.39 13.53 13.45
C LEU E 102 16.36 12.66 14.22
N ASP E 103 15.87 11.75 15.05
CA ASP E 103 16.74 10.85 15.82
C ASP E 103 16.57 9.39 15.39
N LEU E 104 17.65 8.65 15.28
CA LEU E 104 17.55 7.22 14.96
C LEU E 104 18.14 6.32 16.04
N PHE E 105 17.50 5.19 16.31
CA PHE E 105 18.02 4.25 17.31
C PHE E 105 18.05 2.87 16.68
N THR E 106 18.76 1.92 17.28
CA THR E 106 18.78 0.57 16.71
C THR E 106 18.43 -0.49 17.75
N ALA E 107 17.85 -1.58 17.28
CA ALA E 107 17.53 -2.69 18.17
C ALA E 107 17.61 -4.01 17.41
N LEU E 108 17.99 -5.06 18.13
CA LEU E 108 18.01 -6.40 17.56
C LEU E 108 16.65 -7.07 17.79
N ALA E 109 16.40 -8.20 17.12
CA ALA E 109 15.11 -8.87 17.19
C ALA E 109 14.63 -9.25 18.61
N GLU E 110 15.54 -9.62 19.51
CA GLU E 110 15.14 -10.02 20.88
C GLU E 110 15.13 -8.85 21.88
N GLU E 111 15.44 -7.66 21.39
CA GLU E 111 15.27 -6.43 22.17
C GLU E 111 13.96 -5.74 21.77
N LYS E 112 13.50 -6.02 20.55
CA LYS E 112 12.41 -5.28 19.89
C LYS E 112 11.25 -4.89 20.81
N PRO E 113 10.74 -5.84 21.61
CA PRO E 113 9.73 -5.44 22.59
C PRO E 113 10.26 -4.47 23.67
N TYR E 114 11.42 -4.78 24.26
CA TYR E 114 11.96 -3.97 25.35
C TYR E 114 12.41 -2.60 24.85
N ALA E 115 12.87 -2.57 23.60
CA ALA E 115 13.28 -1.33 22.94
C ALA E 115 12.10 -0.39 22.80
N ILE E 116 11.15 -0.79 21.95
CA ILE E 116 9.93 -0.04 21.68
C ILE E 116 9.29 0.52 22.95
N PHE E 117 9.22 -0.31 23.99
CA PHE E 117 8.67 0.13 25.26
C PHE E 117 9.45 1.32 25.84
N HIS E 118 10.78 1.22 25.80
CA HIS E 118 11.64 2.30 26.28
C HIS E 118 11.48 3.58 25.46
N PHE E 119 11.52 3.44 24.13
CA PHE E 119 11.52 4.59 23.24
C PHE E 119 10.12 5.18 23.01
N THR E 120 9.11 4.54 23.57
CA THR E 120 7.77 5.08 23.51
C THR E 120 7.65 6.14 24.59
N GLY E 121 8.39 5.91 25.67
CA GLY E 121 8.32 6.80 26.80
C GLY E 121 6.91 6.83 27.35
N PRO E 122 6.51 7.98 27.92
CA PRO E 122 7.38 9.13 28.17
C PRO E 122 8.32 8.84 29.34
N VAL E 123 9.04 9.86 29.78
CA VAL E 123 9.96 9.68 30.88
C VAL E 123 9.23 9.23 32.16
N SER E 124 8.38 10.12 32.67
CA SER E 124 7.57 9.92 33.89
C SER E 124 6.92 8.54 34.07
N TYR E 125 6.40 7.98 32.97
CA TYR E 125 5.83 6.64 32.99
C TYR E 125 6.91 5.65 33.30
N LEU E 126 8.00 5.70 32.53
CA LEU E 126 9.09 4.73 32.67
C LEU E 126 9.62 4.77 34.09
N ILE E 127 9.89 5.98 34.59
CA ILE E 127 10.29 6.18 35.98
C ILE E 127 9.35 5.44 36.92
N ARG E 128 8.04 5.64 36.73
CA ARG E 128 7.03 4.90 37.48
C ARG E 128 7.28 3.40 37.42
N ILE E 129 7.32 2.84 36.21
CA ILE E 129 7.48 1.41 35.99
C ILE E 129 8.73 0.88 36.65
N ARG E 130 9.84 1.55 36.34
CA ARG E 130 11.16 1.08 36.73
C ARG E 130 11.40 1.18 38.25
N ALA E 131 11.07 2.31 38.86
CA ALA E 131 11.28 2.46 40.32
C ALA E 131 10.38 1.53 41.14
N ALA E 132 9.40 0.95 40.47
CA ALA E 132 8.59 -0.12 41.04
C ALA E 132 9.37 -1.42 40.95
N LEU E 133 9.71 -1.82 39.72
CA LEU E 133 10.51 -3.02 39.47
C LEU E 133 11.86 -2.99 40.23
N LYS E 134 12.28 -1.81 40.65
CA LYS E 134 13.54 -1.64 41.38
C LYS E 134 13.43 -2.20 42.80
N LYS E 135 12.32 -1.89 43.46
CA LYS E 135 12.07 -2.38 44.81
C LYS E 135 11.78 -3.90 44.88
N LYS E 136 11.61 -4.55 43.74
CA LYS E 136 11.45 -6.01 43.66
C LYS E 136 12.75 -6.67 43.17
N ASN E 137 13.84 -5.91 43.24
CA ASN E 137 15.16 -6.32 42.75
C ASN E 137 15.17 -6.71 41.26
N TYR E 138 14.71 -5.79 40.41
CA TYR E 138 14.84 -5.93 38.96
C TYR E 138 15.40 -4.63 38.33
N LYS E 139 15.82 -4.73 37.08
CA LYS E 139 16.28 -3.57 36.33
C LYS E 139 15.68 -3.63 34.95
N LEU E 140 15.03 -2.56 34.54
CA LEU E 140 14.43 -2.52 33.22
C LEU E 140 15.14 -1.51 32.30
N ASN E 141 15.38 -1.91 31.06
CA ASN E 141 15.92 -1.00 30.04
C ASN E 141 15.58 -1.43 28.61
N GLN E 142 16.31 -0.90 27.64
CA GLN E 142 15.97 -1.11 26.23
C GLN E 142 16.57 -2.38 25.60
N TYR E 143 17.11 -3.27 26.44
CA TYR E 143 17.78 -4.46 25.93
C TYR E 143 17.14 -5.75 26.47
N GLY E 144 16.75 -5.71 27.74
CA GLY E 144 16.01 -6.81 28.35
C GLY E 144 15.53 -6.47 29.76
N LEU E 145 14.99 -7.46 30.46
CA LEU E 145 14.71 -7.31 31.88
C LEU E 145 15.79 -8.03 32.68
N PHE E 146 16.34 -7.37 33.70
CA PHE E 146 17.47 -7.94 34.41
C PHE E 146 17.18 -8.26 35.87
N LYS E 147 17.83 -9.31 36.38
CA LYS E 147 17.87 -9.61 37.81
C LYS E 147 19.26 -10.15 38.15
N ASN E 148 19.93 -9.50 39.10
CA ASN E 148 21.31 -9.83 39.47
C ASN E 148 22.31 -9.81 38.31
N GLN E 149 22.27 -8.74 37.52
CA GLN E 149 23.10 -8.58 36.33
C GLN E 149 22.94 -9.68 35.26
N THR E 150 22.04 -10.63 35.53
CA THR E 150 21.72 -11.71 34.59
C THR E 150 20.37 -11.45 33.92
N LEU E 151 20.39 -11.29 32.60
CA LEU E 151 19.17 -11.05 31.80
C LEU E 151 18.09 -12.09 32.09
N VAL E 152 16.87 -11.62 32.33
CA VAL E 152 15.72 -12.49 32.57
C VAL E 152 14.96 -12.74 31.27
N PRO E 153 15.04 -13.98 30.74
CA PRO E 153 14.38 -14.36 29.49
C PRO E 153 12.86 -14.47 29.62
N LEU E 154 12.13 -13.78 28.76
CA LEU E 154 10.66 -13.82 28.80
C LEU E 154 10.07 -14.28 27.48
N LYS E 155 9.24 -15.32 27.55
CA LYS E 155 8.58 -15.84 26.36
C LYS E 155 7.58 -14.83 25.79
N ILE E 156 8.12 -13.75 25.22
CA ILE E 156 7.29 -12.70 24.63
C ILE E 156 7.90 -12.30 23.29
N THR E 157 7.11 -11.59 22.47
CA THR E 157 7.54 -11.15 21.14
C THR E 157 6.92 -9.81 20.73
N THR E 158 5.86 -9.41 21.44
CA THR E 158 5.21 -8.13 21.18
C THR E 158 5.34 -7.22 22.39
N GLU E 159 5.04 -5.93 22.21
CA GLU E 159 5.10 -4.98 23.31
C GLU E 159 4.09 -5.36 24.38
N LYS E 160 2.87 -5.69 23.95
CA LYS E 160 1.81 -6.06 24.87
C LYS E 160 2.27 -7.21 25.78
N GLU E 161 2.64 -8.35 25.16
CA GLU E 161 3.01 -9.56 25.88
C GLU E 161 4.00 -9.28 26.99
N LEU E 162 4.99 -8.46 26.68
CA LEU E 162 5.94 -8.00 27.68
C LEU E 162 5.27 -7.29 28.86
N ILE E 163 4.40 -6.33 28.57
CA ILE E 163 3.82 -5.50 29.63
C ILE E 163 2.97 -6.30 30.62
N LYS E 164 2.22 -7.27 30.10
CA LYS E 164 1.33 -8.07 30.92
C LYS E 164 2.17 -9.05 31.75
N GLU E 165 3.26 -9.51 31.16
CA GLU E 165 4.22 -10.41 31.79
C GLU E 165 4.91 -9.77 33.00
N LEU E 166 5.07 -8.45 32.93
CA LEU E 166 5.68 -7.69 34.00
C LEU E 166 4.74 -7.51 35.18
N GLY E 167 3.48 -7.91 34.99
CA GLY E 167 2.44 -7.70 35.98
C GLY E 167 1.85 -6.31 35.92
N PHE E 168 1.51 -5.84 34.72
CA PHE E 168 1.00 -4.48 34.57
C PHE E 168 -0.21 -4.43 33.63
N THR E 169 -1.01 -3.38 33.76
CA THR E 169 -2.17 -3.22 32.89
C THR E 169 -1.73 -2.40 31.68
N TYR E 170 -1.87 -2.99 30.50
CA TYR E 170 -1.49 -2.32 29.25
C TYR E 170 -2.26 -1.02 28.95
N ARG E 171 -1.53 0.07 28.79
CA ARG E 171 -2.14 1.31 28.31
C ARG E 171 -1.72 1.57 26.88
N ILE E 172 -2.52 2.35 26.16
CA ILE E 172 -2.12 2.75 24.83
C ILE E 172 -1.12 3.88 25.00
N PRO E 173 -0.16 4.00 24.06
CA PRO E 173 0.90 5.00 24.15
C PRO E 173 0.37 6.35 24.60
N LYS E 174 -0.71 6.81 23.98
CA LYS E 174 -1.18 8.17 24.23
C LYS E 174 -1.77 8.36 25.63
N LYS E 175 -1.86 7.27 26.40
CA LYS E 175 -2.46 7.34 27.73
C LYS E 175 -1.46 7.02 28.84
N ARG E 176 -0.17 7.08 28.54
CA ARG E 176 0.87 6.77 29.51
C ARG E 176 1.48 8.04 30.11
N LEU E 177 1.60 8.08 31.44
CA LEU E 177 2.15 9.24 32.14
C LEU E 177 2.77 8.89 33.51
N MET F 4 53.99 -19.15 -28.40
CA MET F 4 52.77 -19.86 -28.76
C MET F 4 52.98 -21.36 -28.76
N LEU F 5 51.89 -22.12 -28.82
CA LEU F 5 52.00 -23.59 -28.77
C LEU F 5 51.02 -24.30 -29.68
N THR F 6 51.34 -25.54 -30.02
CA THR F 6 50.33 -26.44 -30.56
C THR F 6 49.77 -27.18 -29.38
N LEU F 7 48.55 -27.70 -29.56
CA LEU F 7 47.90 -28.49 -28.54
C LEU F 7 48.79 -29.64 -28.09
N ILE F 8 49.53 -30.23 -29.02
CA ILE F 8 50.27 -31.43 -28.70
C ILE F 8 51.39 -31.11 -27.73
N GLN F 9 52.02 -29.96 -27.95
CA GLN F 9 53.10 -29.51 -27.07
C GLN F 9 52.58 -29.09 -25.70
N GLY F 10 51.45 -28.40 -25.69
CA GLY F 10 50.77 -28.08 -24.45
C GLY F 10 50.48 -29.35 -23.68
N LYS F 11 50.07 -30.41 -24.37
CA LYS F 11 49.76 -31.67 -23.71
C LYS F 11 51.02 -32.29 -23.13
N LYS F 12 52.13 -32.09 -23.85
CA LYS F 12 53.43 -32.62 -23.46
C LYS F 12 53.95 -31.99 -22.16
N ILE F 13 53.83 -30.67 -22.08
CA ILE F 13 54.23 -29.89 -20.89
C ILE F 13 53.40 -30.25 -19.65
N VAL F 14 52.09 -30.35 -19.82
CA VAL F 14 51.18 -30.70 -18.73
C VAL F 14 51.58 -32.00 -18.06
N ASN F 15 51.86 -33.00 -18.89
CA ASN F 15 52.24 -34.31 -18.35
C ASN F 15 53.60 -34.24 -17.66
N HIS F 16 54.50 -33.43 -18.22
CA HIS F 16 55.84 -33.24 -17.66
C HIS F 16 55.77 -32.66 -16.24
N LEU F 17 54.68 -31.97 -15.92
CA LEU F 17 54.56 -31.26 -14.65
C LEU F 17 53.73 -32.00 -13.60
N ARG F 18 52.91 -32.95 -14.04
CA ARG F 18 51.97 -33.64 -13.15
C ARG F 18 52.63 -34.38 -11.99
N SER F 19 53.91 -34.72 -12.17
CA SER F 19 54.69 -35.42 -11.16
C SER F 19 55.81 -34.54 -10.56
N ARG F 20 55.85 -33.27 -10.93
CA ARG F 20 56.94 -32.39 -10.50
C ARG F 20 56.44 -31.14 -9.78
N LEU F 21 55.44 -31.30 -8.94
CA LEU F 21 54.86 -30.16 -8.23
C LEU F 21 54.87 -30.33 -6.72
N ALA F 22 55.46 -29.34 -6.06
CA ALA F 22 55.47 -29.30 -4.61
C ALA F 22 55.52 -27.85 -4.17
N PHE F 23 55.06 -27.58 -2.95
CA PHE F 23 55.14 -26.23 -2.39
C PHE F 23 55.86 -26.48 -1.06
N GLU F 24 56.45 -25.41 -0.52
CA GLU F 24 57.15 -25.50 0.75
C GLU F 24 56.21 -24.94 1.80
N TYR F 25 55.93 -25.73 2.83
CA TYR F 25 55.01 -25.33 3.89
C TYR F 25 55.76 -25.68 5.18
N ASN F 26 56.16 -24.65 5.93
CA ASN F 26 56.98 -24.81 7.14
C ASN F 26 58.33 -25.50 6.87
N GLY F 27 59.05 -25.03 5.86
CA GLY F 27 60.35 -25.61 5.50
C GLY F 27 60.28 -26.98 4.85
N GLN F 28 59.07 -27.54 4.80
CA GLN F 28 58.81 -28.87 4.24
C GLN F 28 58.30 -28.79 2.82
N LEU F 29 59.04 -29.37 1.87
CA LEU F 29 58.58 -29.44 0.49
C LEU F 29 57.48 -30.50 0.38
N ILE F 30 56.23 -30.05 0.43
CA ILE F 30 55.07 -30.94 0.38
C ILE F 30 54.63 -31.26 -1.05
N LYS F 31 54.47 -32.55 -1.33
CA LYS F 31 54.11 -33.06 -2.66
C LYS F 31 52.67 -32.69 -3.06
N ILE F 32 52.49 -32.30 -4.32
CA ILE F 32 51.15 -32.04 -4.86
C ILE F 32 50.71 -33.27 -5.65
N LEU F 33 49.58 -33.84 -5.26
CA LEU F 33 49.06 -35.04 -5.90
C LEU F 33 48.55 -34.74 -7.31
N SER F 34 48.94 -35.58 -8.28
CA SER F 34 48.48 -35.43 -9.66
C SER F 34 46.97 -35.70 -9.77
N LYS F 35 46.43 -36.39 -8.76
CA LYS F 35 44.99 -36.57 -8.60
C LYS F 35 44.29 -35.24 -8.34
N ASN F 36 45.03 -34.30 -7.75
CA ASN F 36 44.51 -32.98 -7.42
C ASN F 36 45.14 -31.87 -8.28
N ILE F 37 45.52 -32.22 -9.50
CA ILE F 37 45.93 -31.24 -10.50
C ILE F 37 45.11 -31.41 -11.77
N VAL F 38 44.47 -30.32 -12.21
CA VAL F 38 43.58 -30.38 -13.36
C VAL F 38 44.02 -29.39 -14.44
N ALA F 39 43.95 -29.83 -15.70
CA ALA F 39 44.33 -28.97 -16.81
C ALA F 39 43.09 -28.35 -17.43
N VAL F 40 43.06 -27.02 -17.45
CA VAL F 40 41.92 -26.26 -17.95
C VAL F 40 42.34 -25.26 -19.00
N GLY F 41 41.42 -24.37 -19.39
CA GLY F 41 41.72 -23.33 -20.34
C GLY F 41 41.55 -23.86 -21.75
N SER F 42 42.14 -23.16 -22.72
CA SER F 42 42.11 -23.60 -24.11
C SER F 42 42.54 -25.06 -24.25
N LEU F 43 43.45 -25.50 -23.39
CA LEU F 43 43.91 -26.88 -23.41
C LEU F 43 42.79 -27.88 -23.19
N ARG F 44 41.97 -27.64 -22.17
CA ARG F 44 40.91 -28.60 -21.87
C ARG F 44 39.85 -28.58 -22.96
N ARG F 45 39.77 -27.45 -23.66
CA ARG F 45 38.81 -27.28 -24.74
C ARG F 45 39.40 -27.71 -26.08
N GLU F 46 40.52 -28.42 -26.01
CA GLU F 46 41.12 -29.09 -27.16
C GLU F 46 41.27 -28.19 -28.37
N GLU F 47 41.50 -26.91 -28.13
CA GLU F 47 41.81 -26.01 -29.23
C GLU F 47 43.12 -26.46 -29.89
N LYS F 48 43.27 -26.16 -31.18
CA LYS F 48 44.45 -26.54 -31.94
C LYS F 48 45.67 -25.80 -31.42
N MET F 49 45.54 -24.47 -31.41
CA MET F 49 46.64 -23.59 -31.02
C MET F 49 46.45 -22.99 -29.63
N LEU F 50 47.54 -22.90 -28.88
CA LEU F 50 47.50 -22.32 -27.55
C LEU F 50 48.24 -20.98 -27.45
N ASN F 51 48.03 -20.29 -26.33
CA ASN F 51 48.76 -19.06 -26.03
C ASN F 51 49.40 -19.10 -24.64
N ASP F 52 48.79 -19.87 -23.75
CA ASP F 52 49.24 -20.06 -22.37
C ASP F 52 48.68 -21.40 -21.88
N VAL F 53 49.27 -21.98 -20.84
CA VAL F 53 48.77 -23.26 -20.35
C VAL F 53 48.16 -22.97 -18.98
N ASN F 54 47.03 -23.58 -18.67
CA ASN F 54 46.36 -23.22 -17.43
C ASN F 54 46.11 -24.45 -16.59
N LEU F 55 46.35 -24.30 -15.29
CA LEU F 55 46.27 -25.44 -14.38
C LEU F 55 45.59 -25.10 -13.06
N LEU F 56 44.69 -25.99 -12.65
CA LEU F 56 43.94 -25.82 -11.42
C LEU F 56 44.47 -26.78 -10.36
N ILE F 57 44.72 -26.27 -9.16
CA ILE F 57 45.28 -27.06 -8.07
C ILE F 57 44.28 -27.16 -6.91
N ILE F 58 43.69 -28.34 -6.75
CA ILE F 58 42.79 -28.60 -5.62
C ILE F 58 43.59 -28.54 -4.31
N VAL F 59 43.16 -27.68 -3.39
CA VAL F 59 43.77 -27.58 -2.06
C VAL F 59 42.81 -28.15 -1.00
N PRO F 60 43.23 -29.21 -0.29
CA PRO F 60 42.35 -29.89 0.66
C PRO F 60 42.02 -29.07 1.90
N GLU F 61 42.99 -28.31 2.40
CA GLU F 61 42.82 -27.56 3.66
C GLU F 61 42.95 -26.04 3.50
N LYS F 62 41.96 -25.33 4.02
CA LYS F 62 41.78 -23.89 3.87
C LYS F 62 43.00 -23.02 4.26
N LYS F 63 43.71 -23.41 5.31
CA LYS F 63 44.85 -22.65 5.81
C LYS F 63 45.96 -22.44 4.76
N LEU F 64 46.06 -23.40 3.84
CA LEU F 64 47.23 -23.53 2.99
C LEU F 64 47.29 -22.54 1.82
N LEU F 65 46.18 -21.88 1.52
CA LEU F 65 46.09 -20.99 0.35
C LEU F 65 47.12 -19.87 0.35
N LYS F 66 47.48 -19.41 1.54
CA LYS F 66 48.50 -18.38 1.71
C LYS F 66 49.89 -18.99 1.54
N HIS F 67 49.94 -20.33 1.58
CA HIS F 67 51.20 -21.08 1.52
C HIS F 67 51.49 -21.75 0.14
N VAL F 68 50.45 -22.20 -0.56
CA VAL F 68 50.63 -22.95 -1.82
C VAL F 68 51.21 -22.12 -2.98
N LEU F 69 50.38 -21.27 -3.57
CA LEU F 69 50.80 -20.44 -4.70
C LEU F 69 51.99 -19.52 -4.44
N PRO F 70 52.04 -18.86 -3.27
CA PRO F 70 53.21 -18.01 -3.03
C PRO F 70 54.54 -18.78 -2.92
N ASN F 71 54.50 -20.03 -2.45
CA ASN F 71 55.71 -20.84 -2.27
C ASN F 71 55.71 -22.10 -3.13
N ILE F 72 55.41 -21.95 -4.42
CA ILE F 72 55.28 -23.09 -5.33
C ILE F 72 56.65 -23.48 -5.90
N ARG F 73 56.86 -24.78 -6.07
CA ARG F 73 58.14 -25.30 -6.55
C ARG F 73 57.98 -26.32 -7.67
N ILE F 74 58.87 -26.25 -8.66
CA ILE F 74 58.92 -27.20 -9.76
C ILE F 74 60.32 -27.77 -9.92
N LYS F 75 60.42 -29.09 -9.95
CA LYS F 75 61.72 -29.76 -10.01
C LYS F 75 62.44 -29.59 -11.34
N GLY F 76 63.42 -28.69 -11.38
CA GLY F 76 64.35 -28.63 -12.48
C GLY F 76 63.95 -27.82 -13.71
N LEU F 77 63.08 -26.83 -13.51
CA LEU F 77 62.68 -26.00 -14.64
C LEU F 77 62.90 -24.52 -14.35
N SER F 78 63.46 -23.81 -15.34
CA SER F 78 63.65 -22.36 -15.27
C SER F 78 62.30 -21.64 -15.38
N PHE F 79 61.89 -20.93 -14.34
CA PHE F 79 60.62 -20.17 -14.36
C PHE F 79 60.56 -18.76 -13.73
N SER F 80 60.36 -17.75 -14.59
CA SER F 80 60.19 -16.33 -14.17
C SER F 80 58.79 -16.12 -13.56
N VAL F 81 58.57 -15.00 -12.83
CA VAL F 81 57.27 -14.77 -12.18
C VAL F 81 56.83 -13.35 -12.55
N LYS F 82 55.64 -13.20 -13.11
CA LYS F 82 55.11 -11.87 -13.42
C LYS F 82 54.26 -11.30 -12.27
N VAL F 83 53.31 -12.09 -11.76
CA VAL F 83 52.54 -11.78 -10.55
C VAL F 83 52.20 -13.04 -9.73
N CYS F 84 51.79 -12.89 -8.47
CA CYS F 84 51.39 -14.03 -7.65
C CYS F 84 50.40 -13.66 -6.53
N GLY F 85 49.40 -14.49 -6.31
CA GLY F 85 48.49 -14.29 -5.20
C GLY F 85 48.09 -15.62 -4.59
N GLU F 86 47.07 -15.61 -3.75
CA GLU F 86 46.62 -16.84 -3.13
C GLU F 86 45.76 -17.64 -4.10
N ARG F 87 45.10 -16.93 -5.00
CA ARG F 87 44.19 -17.54 -5.98
C ARG F 87 44.82 -17.70 -7.38
N LYS F 88 45.27 -16.60 -7.99
CA LYS F 88 45.90 -16.64 -9.32
C LYS F 88 47.42 -16.48 -9.28
N CYS F 89 48.14 -17.31 -10.03
CA CYS F 89 49.59 -17.15 -10.17
C CYS F 89 50.06 -17.17 -11.65
N VAL F 90 50.88 -16.19 -12.03
CA VAL F 90 51.38 -16.08 -13.42
C VAL F 90 52.89 -16.28 -13.53
N LEU F 91 53.31 -17.22 -14.37
CA LEU F 91 54.72 -17.56 -14.54
C LEU F 91 55.16 -17.37 -15.99
N PHE F 92 56.47 -17.37 -16.21
CA PHE F 92 57.03 -17.53 -17.55
C PHE F 92 58.01 -18.69 -17.46
N ILE F 93 58.03 -19.56 -18.46
CA ILE F 93 58.91 -20.73 -18.38
C ILE F 93 59.86 -20.89 -19.57
N GLU F 94 60.99 -21.57 -19.29
CA GLU F 94 61.95 -22.01 -20.30
C GLU F 94 61.73 -23.50 -20.56
N TRP F 95 61.26 -23.83 -21.76
CA TRP F 95 61.00 -25.20 -22.18
C TRP F 95 61.58 -25.42 -23.56
N GLU F 96 62.53 -26.35 -23.65
CA GLU F 96 63.24 -26.64 -24.89
C GLU F 96 63.70 -25.34 -25.53
N LYS F 97 64.23 -24.46 -24.69
CA LYS F 97 64.80 -23.19 -25.11
C LYS F 97 63.81 -22.23 -25.80
N LYS F 98 62.68 -21.98 -25.15
CA LYS F 98 61.67 -21.04 -25.63
C LYS F 98 60.85 -20.49 -24.44
N THR F 99 60.29 -19.29 -24.59
CA THR F 99 59.46 -18.71 -23.54
C THR F 99 57.95 -18.90 -23.78
N TYR F 100 57.33 -19.65 -22.89
CA TYR F 100 55.87 -19.89 -22.93
C TYR F 100 55.27 -19.46 -21.61
N GLN F 101 54.11 -18.79 -21.66
CA GLN F 101 53.45 -18.33 -20.44
C GLN F 101 52.66 -19.46 -19.76
N LEU F 102 52.80 -19.59 -18.45
CA LEU F 102 51.98 -20.57 -17.71
C LEU F 102 51.08 -19.86 -16.67
N ASP F 103 49.86 -20.34 -16.49
CA ASP F 103 48.96 -19.79 -15.49
C ASP F 103 48.45 -20.86 -14.53
N LEU F 104 48.53 -20.58 -13.23
CA LEU F 104 48.00 -21.49 -12.22
C LEU F 104 46.88 -20.84 -11.43
N PHE F 105 46.01 -21.68 -10.90
CA PHE F 105 44.83 -21.22 -10.17
C PHE F 105 44.55 -22.23 -9.05
N THR F 106 43.94 -21.79 -7.95
CA THR F 106 43.72 -22.63 -6.77
C THR F 106 42.25 -22.72 -6.35
N ALA F 107 41.83 -23.86 -5.81
CA ALA F 107 40.47 -24.05 -5.34
C ALA F 107 40.42 -25.09 -4.23
N LEU F 108 39.24 -25.28 -3.63
CA LEU F 108 39.09 -26.17 -2.50
C LEU F 108 38.13 -27.31 -2.86
N ALA F 109 38.21 -28.45 -2.19
CA ALA F 109 37.46 -29.66 -2.57
C ALA F 109 35.95 -29.47 -2.86
N GLU F 110 35.30 -28.53 -2.19
CA GLU F 110 33.88 -28.26 -2.41
C GLU F 110 33.63 -27.13 -3.41
N GLU F 111 34.70 -26.43 -3.81
CA GLU F 111 34.66 -25.47 -4.92
C GLU F 111 34.93 -26.18 -6.25
N LYS F 112 35.64 -27.30 -6.20
CA LYS F 112 36.13 -28.06 -7.38
C LYS F 112 35.22 -28.02 -8.62
N PRO F 113 33.95 -28.47 -8.48
CA PRO F 113 33.05 -28.41 -9.65
C PRO F 113 32.85 -26.98 -10.18
N TYR F 114 32.58 -26.03 -9.28
CA TYR F 114 32.38 -24.64 -9.66
C TYR F 114 33.65 -24.04 -10.27
N ALA F 115 34.79 -24.58 -9.87
CA ALA F 115 36.09 -24.07 -10.30
C ALA F 115 36.50 -24.59 -11.68
N ILE F 116 36.39 -25.91 -11.85
CA ILE F 116 36.57 -26.57 -13.15
C ILE F 116 35.77 -25.81 -14.20
N PHE F 117 34.45 -25.83 -14.03
CA PHE F 117 33.49 -25.17 -14.91
C PHE F 117 33.80 -23.72 -15.26
N HIS F 118 34.22 -22.91 -14.31
CA HIS F 118 34.53 -21.52 -14.60
C HIS F 118 35.80 -21.51 -15.44
N PHE F 119 36.67 -22.47 -15.17
CA PHE F 119 38.01 -22.41 -15.74
C PHE F 119 38.15 -23.01 -17.16
N THR F 120 37.48 -24.12 -17.41
CA THR F 120 37.34 -24.62 -18.77
C THR F 120 36.88 -23.49 -19.72
N GLY F 121 35.68 -23.00 -19.48
CA GLY F 121 35.21 -21.83 -20.21
C GLY F 121 34.31 -22.30 -21.32
N PRO F 122 34.30 -21.56 -22.44
CA PRO F 122 35.05 -20.30 -22.58
C PRO F 122 34.29 -19.11 -22.01
N VAL F 123 34.68 -17.88 -22.38
CA VAL F 123 34.00 -16.71 -21.84
C VAL F 123 32.56 -16.64 -22.29
N SER F 124 32.37 -16.47 -23.60
CA SER F 124 31.04 -16.28 -24.17
C SER F 124 30.06 -17.31 -23.63
N TYR F 125 30.54 -18.53 -23.41
CA TYR F 125 29.74 -19.57 -22.79
C TYR F 125 29.34 -19.15 -21.40
N LEU F 126 30.36 -18.94 -20.57
CA LEU F 126 30.16 -18.45 -19.19
C LEU F 126 29.19 -17.26 -19.11
N ILE F 127 29.39 -16.26 -19.95
CA ILE F 127 28.49 -15.13 -20.02
C ILE F 127 27.02 -15.54 -20.25
N ARG F 128 26.77 -16.40 -21.24
CA ARG F 128 25.41 -16.89 -21.51
C ARG F 128 24.79 -17.50 -20.26
N ILE F 129 25.46 -18.48 -19.68
CA ILE F 129 24.96 -19.16 -18.48
C ILE F 129 24.78 -18.26 -17.22
N ARG F 130 25.64 -17.29 -17.04
CA ARG F 130 25.51 -16.42 -15.88
C ARG F 130 24.35 -15.42 -16.06
N ALA F 131 24.20 -14.90 -17.28
CA ALA F 131 23.15 -13.93 -17.58
C ALA F 131 21.78 -14.60 -17.48
N ALA F 132 21.69 -15.80 -18.02
CA ALA F 132 20.55 -16.67 -17.86
C ALA F 132 20.21 -16.94 -16.38
N LEU F 133 21.21 -17.26 -15.57
CA LEU F 133 20.98 -17.53 -14.17
C LEU F 133 20.78 -16.24 -13.36
N LYS F 134 20.99 -15.10 -14.00
CA LYS F 134 20.85 -13.82 -13.31
C LYS F 134 19.38 -13.37 -13.35
N LYS F 135 18.67 -13.77 -14.40
CA LYS F 135 17.25 -13.44 -14.51
C LYS F 135 16.40 -14.43 -13.70
N LYS F 136 17.05 -15.40 -13.08
CA LYS F 136 16.38 -16.30 -12.15
C LYS F 136 16.87 -16.02 -10.74
N ASN F 137 17.41 -14.82 -10.55
CA ASN F 137 18.00 -14.35 -9.29
C ASN F 137 18.96 -15.33 -8.62
N TYR F 138 19.96 -15.75 -9.38
CA TYR F 138 21.11 -16.50 -8.88
C TYR F 138 22.38 -15.72 -9.21
N LYS F 139 23.51 -16.12 -8.64
CA LYS F 139 24.81 -15.59 -9.06
C LYS F 139 25.77 -16.76 -9.14
N LEU F 140 26.41 -16.91 -10.28
CA LEU F 140 27.36 -17.98 -10.47
C LEU F 140 28.76 -17.41 -10.57
N ASN F 141 29.68 -17.96 -9.78
CA ASN F 141 31.13 -17.75 -9.94
C ASN F 141 31.92 -19.00 -9.53
N GLN F 142 33.24 -18.97 -9.64
CA GLN F 142 34.08 -20.17 -9.45
C GLN F 142 33.97 -20.80 -8.06
N TYR F 143 33.29 -20.09 -7.16
CA TYR F 143 33.24 -20.47 -5.76
C TYR F 143 32.00 -21.30 -5.43
N GLY F 144 30.94 -21.10 -6.20
CA GLY F 144 29.68 -21.77 -5.91
C GLY F 144 28.47 -21.04 -6.43
N LEU F 145 27.29 -21.56 -6.12
CA LEU F 145 26.06 -20.94 -6.58
C LEU F 145 25.42 -20.14 -5.45
N PHE F 146 25.21 -18.86 -5.70
CA PHE F 146 24.70 -17.93 -4.70
C PHE F 146 23.29 -17.40 -5.03
N LYS F 147 22.43 -17.30 -4.02
CA LYS F 147 21.11 -16.67 -4.16
C LYS F 147 20.90 -15.75 -2.96
N ASN F 148 20.85 -14.44 -3.21
CA ASN F 148 20.81 -13.42 -2.17
C ASN F 148 21.94 -13.55 -1.14
N GLN F 149 23.18 -13.53 -1.63
CA GLN F 149 24.38 -13.48 -0.78
C GLN F 149 24.63 -14.75 0.09
N THR F 150 23.73 -15.72 0.00
CA THR F 150 23.87 -16.98 0.75
C THR F 150 24.13 -18.16 -0.17
N LEU F 151 25.26 -18.84 0.03
CA LEU F 151 25.62 -20.01 -0.79
C LEU F 151 24.50 -21.05 -0.83
N VAL F 152 24.03 -21.37 -2.03
CA VAL F 152 23.07 -22.44 -2.23
C VAL F 152 23.84 -23.75 -2.30
N PRO F 153 23.67 -24.61 -1.29
CA PRO F 153 24.37 -25.89 -1.22
C PRO F 153 23.72 -26.90 -2.16
N LEU F 154 24.55 -27.66 -2.86
CA LEU F 154 24.04 -28.62 -3.84
C LEU F 154 24.63 -30.00 -3.60
N LYS F 155 23.80 -31.02 -3.79
CA LYS F 155 24.26 -32.39 -3.64
C LYS F 155 24.95 -32.88 -4.91
N ILE F 156 26.19 -32.44 -5.11
CA ILE F 156 26.99 -32.73 -6.30
C ILE F 156 28.52 -32.83 -5.96
N THR F 157 29.29 -33.48 -6.83
CA THR F 157 30.74 -33.68 -6.63
C THR F 157 31.58 -33.50 -7.92
N THR F 158 30.93 -33.72 -9.07
CA THR F 158 31.57 -33.60 -10.40
C THR F 158 30.97 -32.45 -11.25
N GLU F 159 31.80 -31.88 -12.13
CA GLU F 159 31.41 -30.79 -13.04
C GLU F 159 30.10 -31.09 -13.75
N LYS F 160 29.92 -32.32 -14.25
CA LYS F 160 28.73 -32.69 -15.03
C LYS F 160 27.45 -32.75 -14.17
N GLU F 161 27.61 -33.12 -12.90
CA GLU F 161 26.49 -33.14 -11.97
C GLU F 161 25.98 -31.72 -11.78
N LEU F 162 26.91 -30.80 -11.52
CA LEU F 162 26.59 -29.38 -11.34
C LEU F 162 25.81 -28.80 -12.52
N ILE F 163 26.22 -29.18 -13.73
CA ILE F 163 25.69 -28.60 -14.95
C ILE F 163 24.25 -29.01 -15.22
N LYS F 164 23.95 -30.29 -15.04
CA LYS F 164 22.59 -30.77 -15.25
C LYS F 164 21.72 -30.34 -14.06
N GLU F 165 22.37 -30.15 -12.91
CA GLU F 165 21.74 -29.57 -11.73
C GLU F 165 21.36 -28.11 -11.99
N LEU F 166 22.25 -27.37 -12.65
CA LEU F 166 21.98 -25.99 -13.05
C LEU F 166 20.92 -25.98 -14.14
N GLY F 167 20.55 -27.17 -14.59
CA GLY F 167 19.50 -27.33 -15.58
C GLY F 167 20.03 -27.03 -16.96
N PHE F 168 21.28 -27.41 -17.20
CA PHE F 168 21.89 -27.11 -18.47
C PHE F 168 22.31 -28.42 -19.12
N THR F 169 22.07 -28.51 -20.41
CA THR F 169 22.44 -29.70 -21.14
C THR F 169 23.95 -29.71 -21.13
N TYR F 170 24.52 -30.85 -20.81
CA TYR F 170 26.00 -30.98 -20.78
C TYR F 170 26.69 -31.20 -22.12
N ARG F 171 27.65 -30.32 -22.45
CA ARG F 171 28.48 -30.48 -23.65
C ARG F 171 29.98 -30.67 -23.27
N ILE F 172 30.71 -31.51 -23.99
CA ILE F 172 32.15 -31.66 -23.72
C ILE F 172 32.81 -30.29 -23.84
N PRO F 173 33.97 -30.12 -23.20
CA PRO F 173 34.59 -28.80 -23.18
C PRO F 173 34.74 -28.16 -24.57
N LYS F 174 35.13 -28.94 -25.57
CA LYS F 174 35.45 -28.34 -26.87
C LYS F 174 34.22 -27.93 -27.68
N LYS F 175 33.03 -28.19 -27.14
CA LYS F 175 31.78 -27.89 -27.85
C LYS F 175 30.92 -26.81 -27.17
N ARG F 176 31.53 -26.02 -26.29
CA ARG F 176 30.81 -24.96 -25.58
C ARG F 176 31.09 -23.58 -26.22
N LEU F 177 30.04 -22.83 -26.54
CA LEU F 177 30.18 -21.49 -27.15
C LEU F 177 29.16 -20.43 -26.60
#